data_8X2L
#
_entry.id   8X2L
#
loop_
_entity.id
_entity.type
_entity.pdbx_description
1 polymer 'Cytochrome b-245 light chain'
2 polymer 'Cytochrome b-245 heavy chain'
3 polymer '7D5 Fab heavy chain'
4 polymer '7D5 Fab light chain'
5 branched beta-D-mannopyranose-(1-4)-2-acetamido-2-deoxy-beta-D-glucopyranose-(1-4)-2-acetamido-2-deoxy-beta-D-glucopyranose
6 non-polymer 'FLAVIN-ADENINE DINUCLEOTIDE'
7 non-polymer 'PROTOPORPHYRIN IX CONTAINING FE'
8 non-polymer 2-acetamido-2-deoxy-beta-D-glucopyranose
9 non-polymer 'MAGNESIUM ION'
10 water water
#
loop_
_entity_poly.entity_id
_entity_poly.type
_entity_poly.pdbx_seq_one_letter_code
_entity_poly.pdbx_strand_id
1 'polypeptide(L)'
;MGQIEWAMWANEQALASGLILITGGIVATAGRFTQWYFGAYSIVAGVFVCLLEYPRGKRKKGSTMERWGQKYMTAVVKLF
GPFTRNYYVRAVLHLLLSVPAGFLLATILGTACLAIASGIYLLAAVRGEQWTPIEPKPRERPQIGGTIKQPPSNPPPRPP
AEARKKPSEEEAAAAAGGPPGGPQVNPIPVTDEVV
;
A
2 'polypeptide(L)'
;MGNWAVNEGLSIFVILVWLGLNVFLFVWYYRVYDIPPKFFYTRKLLGSALALARAPAACLNFNCMLILLPVCRNLLSFLR
GSSACCSTRVRRQLDRNLTFHKMVAWMIALHSAIHTIAHLFNVEWCVNARVNNSDPYSVALSELGDRQNESYLNFARKRI
KNPEGGLYLAVTLLAGITGVVITLCLILIITSSTKTIRRSYFEVFWYTHHLFVIFFIGLAIHGAERIVRGQTAESLAVHN
ITVCEQKISEWGKIKECPIPQFAGNPPMTWKWIVGPMFLYLCERLVRFWRSQQKVVITKVVTHPFKTIELQMKKKGFKME
VGQYIFVKCPKVSKLEWHPFTLTSAPEEDFFSIHIRIVGDWTEGLFNACGCDKQEFQDAWKLPKIAVDGPFGTASEDVFS
YEVVMLVGAGIGVTPFASILKSVWYKYCNNATNLKLKKIYFYWLCRDTHAFEWFADLLQLLESQMQERNNAGFLSYNIYL
TGWDESQANHFAVHHDEEKDVITGLKQKTLYGRPNWDNEFKTIASQHPNTRIGVFLCGPEALAETLSKQSISNSESGPRG
VHFIFNKENF
;
B
3 'polypeptide(L)'
;MKKNIAFLLASMFVFSIATNAYADVQLQESGPGLVKPSQSLSLTCSVTGYSLTSGSFWSWIRQFPGNKLEWMGYITYDGT
SHFNPSLKSRFSITRDTSKNQFFLKLNSVTTEDTATYYCTRDPYRYDAMDFWGQGTSVTVSSAKTTPPSVYPLAPGSAAQ
TNSMVTLGCLVKGYFPEPVTVTWNSGSLSSGVHTFPAVLQSDLYTLSSSVTVPSSTWPSETVTCNVAHPASSTKVDKKIV
PRDLEHHHHHH
;
H
4 'polypeptide(L)'
;MKKNIAFLLASMFVFSIATNAYADIQLTQTTSSLSASLGDRVTISCRASQDISNYLNWYQQKPDGTVKLLIYYTSKLHSG
VPSRFTASGSGRDYSLAISNLEQEDIATYFCQQVFSLPWTFGGGTKLEIKRADAAPTVSIFPPSSEQLTSGGASVVCFLN
NFYPKDINVKWKIDGSERQNGVLNSWTDQDSKDSTYSMSSTLTLTKDEYERHNSYTCEATHKTSTSPIVKSFNRNE
;
L
#
# COMPACT_ATOMS: atom_id res chain seq x y z
N GLN A 3 -30.27 -7.93 13.48
CA GLN A 3 -29.14 -7.03 13.63
C GLN A 3 -28.19 -7.18 12.43
N ILE A 4 -26.89 -6.98 12.66
CA ILE A 4 -25.90 -7.10 11.61
C ILE A 4 -25.61 -8.58 11.37
N GLU A 5 -25.44 -8.95 10.10
CA GLU A 5 -25.05 -10.31 9.71
C GLU A 5 -23.59 -10.24 9.27
N TRP A 6 -22.68 -10.61 10.17
CA TRP A 6 -21.25 -10.55 9.88
C TRP A 6 -20.83 -11.50 8.78
N ALA A 7 -21.64 -12.51 8.47
CA ALA A 7 -21.24 -13.52 7.50
C ALA A 7 -21.07 -12.93 6.10
N MET A 8 -21.87 -11.91 5.75
CA MET A 8 -21.77 -11.32 4.43
C MET A 8 -20.42 -10.63 4.24
N TRP A 9 -20.01 -9.82 5.22
CA TRP A 9 -18.71 -9.19 5.16
C TRP A 9 -17.59 -10.23 5.27
N ALA A 10 -17.81 -11.29 6.05
CA ALA A 10 -16.81 -12.36 6.13
C ALA A 10 -16.60 -13.01 4.76
N ASN A 11 -17.69 -13.27 4.04
CA ASN A 11 -17.59 -13.86 2.71
C ASN A 11 -16.92 -12.89 1.74
N GLU A 12 -17.29 -11.63 1.76
CA GLU A 12 -16.70 -10.67 0.84
C GLU A 12 -15.22 -10.45 1.14
N GLN A 13 -14.82 -10.58 2.41
CA GLN A 13 -13.40 -10.52 2.76
C GLN A 13 -12.68 -11.80 2.35
N ALA A 14 -13.31 -12.96 2.56
CA ALA A 14 -12.64 -14.23 2.28
C ALA A 14 -12.44 -14.42 0.78
N LEU A 15 -13.39 -13.98 -0.03
CA LEU A 15 -13.22 -14.09 -1.47
C LEU A 15 -12.04 -13.26 -1.96
N ALA A 16 -11.92 -12.03 -1.46
CA ALA A 16 -10.77 -11.21 -1.83
C ALA A 16 -9.48 -11.77 -1.25
N SER A 17 -9.54 -12.34 -0.04
CA SER A 17 -8.35 -12.97 0.53
C SER A 17 -7.89 -14.14 -0.34
N GLY A 18 -8.84 -14.95 -0.82
CA GLY A 18 -8.48 -16.01 -1.75
C GLY A 18 -7.91 -15.48 -3.05
N LEU A 19 -8.48 -14.38 -3.56
CA LEU A 19 -7.96 -13.81 -4.80
C LEU A 19 -6.53 -13.32 -4.62
N ILE A 20 -6.25 -12.60 -3.53
CA ILE A 20 -4.89 -12.13 -3.31
C ILE A 20 -3.96 -13.28 -2.98
N LEU A 21 -4.48 -14.36 -2.39
CA LEU A 21 -3.65 -15.55 -2.15
C LEU A 21 -3.28 -16.21 -3.47
N ILE A 22 -4.23 -16.29 -4.41
CA ILE A 22 -3.91 -16.77 -5.76
C ILE A 22 -2.85 -15.86 -6.38
N THR A 23 -3.01 -14.55 -6.24
CA THR A 23 -2.05 -13.61 -6.80
C THR A 23 -0.67 -13.82 -6.19
N GLY A 24 -0.60 -13.97 -4.87
CA GLY A 24 0.67 -14.18 -4.20
C GLY A 24 1.35 -15.48 -4.61
N GLY A 25 0.56 -16.56 -4.70
CA GLY A 25 1.12 -17.81 -5.16
C GLY A 25 1.59 -17.75 -6.60
N ILE A 26 0.83 -17.10 -7.47
CA ILE A 26 1.23 -16.97 -8.88
C ILE A 26 2.52 -16.15 -8.97
N VAL A 27 2.60 -15.03 -8.25
CA VAL A 27 3.78 -14.18 -8.34
C VAL A 27 4.99 -14.89 -7.74
N ALA A 28 4.79 -15.76 -6.76
CA ALA A 28 5.91 -16.52 -6.23
C ALA A 28 6.35 -17.62 -7.20
N THR A 29 5.39 -18.30 -7.83
CA THR A 29 5.74 -19.39 -8.74
C THR A 29 6.39 -18.88 -10.01
N ALA A 30 5.80 -17.85 -10.62
CA ALA A 30 6.32 -17.34 -11.90
C ALA A 30 7.71 -16.74 -11.72
N GLY A 31 7.95 -16.04 -10.61
CA GLY A 31 9.25 -15.48 -10.34
C GLY A 31 10.26 -16.45 -9.80
N ARG A 32 9.89 -17.72 -9.61
CA ARG A 32 10.75 -18.74 -9.04
C ARG A 32 11.32 -18.27 -7.69
N PHE A 33 10.43 -17.73 -6.86
CA PHE A 33 10.82 -17.36 -5.51
C PHE A 33 11.32 -18.58 -4.77
N THR A 34 12.36 -18.41 -3.97
CA THR A 34 12.86 -19.52 -3.17
C THR A 34 11.74 -19.99 -2.25
N GLN A 35 11.57 -21.32 -2.16
CA GLN A 35 10.42 -21.94 -1.49
C GLN A 35 9.11 -21.59 -2.19
N TRP A 36 9.11 -21.74 -3.52
CA TRP A 36 7.92 -21.47 -4.32
C TRP A 36 6.81 -22.49 -4.13
N TYR A 37 7.13 -23.67 -3.58
CA TYR A 37 6.10 -24.68 -3.36
C TYR A 37 5.02 -24.17 -2.42
N PHE A 38 5.40 -23.33 -1.44
CA PHE A 38 4.37 -22.63 -0.67
C PHE A 38 3.55 -21.71 -1.56
N GLY A 39 4.17 -21.16 -2.61
CA GLY A 39 3.40 -20.39 -3.58
C GLY A 39 2.38 -21.24 -4.30
N ALA A 40 2.77 -22.45 -4.71
CA ALA A 40 1.82 -23.35 -5.35
C ALA A 40 0.69 -23.73 -4.40
N TYR A 41 1.04 -24.00 -3.14
CA TYR A 41 0.01 -24.25 -2.13
C TYR A 41 -0.93 -23.06 -2.02
N SER A 42 -0.38 -21.84 -2.05
CA SER A 42 -1.22 -20.65 -1.96
C SER A 42 -2.13 -20.54 -3.17
N ILE A 43 -1.64 -20.89 -4.36
CA ILE A 43 -2.49 -20.87 -5.55
C ILE A 43 -3.68 -21.80 -5.34
N VAL A 44 -3.40 -23.06 -4.97
CA VAL A 44 -4.49 -24.03 -4.89
C VAL A 44 -5.45 -23.68 -3.75
N ALA A 45 -4.91 -23.24 -2.61
CA ALA A 45 -5.76 -22.88 -1.49
C ALA A 45 -6.61 -21.66 -1.82
N GLY A 46 -6.04 -20.68 -2.52
CA GLY A 46 -6.83 -19.53 -2.93
C GLY A 46 -7.92 -19.88 -3.91
N VAL A 47 -7.63 -20.78 -4.86
CA VAL A 47 -8.69 -21.26 -5.76
C VAL A 47 -9.80 -21.93 -4.96
N PHE A 48 -9.42 -22.77 -3.99
CA PHE A 48 -10.41 -23.46 -3.17
C PHE A 48 -11.25 -22.46 -2.37
N VAL A 49 -10.62 -21.43 -1.81
CA VAL A 49 -11.35 -20.44 -1.02
C VAL A 49 -12.25 -19.62 -1.92
N CYS A 50 -11.78 -19.26 -3.12
CA CYS A 50 -12.63 -18.51 -4.04
C CYS A 50 -13.85 -19.33 -4.44
N LEU A 51 -13.66 -20.62 -4.69
CA LEU A 51 -14.81 -21.47 -5.01
C LEU A 51 -15.76 -21.60 -3.82
N LEU A 52 -15.23 -21.89 -2.64
CA LEU A 52 -16.07 -22.11 -1.47
C LEU A 52 -16.81 -20.85 -1.04
N GLU A 53 -16.17 -19.69 -1.16
CA GLU A 53 -16.69 -18.43 -0.66
C GLU A 53 -17.40 -17.62 -1.73
N TYR A 54 -17.42 -18.07 -2.98
CA TYR A 54 -18.22 -17.39 -3.98
C TYR A 54 -19.71 -17.42 -3.64
N PRO A 55 -20.32 -18.54 -3.25
CA PRO A 55 -21.76 -18.50 -2.97
C PRO A 55 -22.09 -17.81 -1.66
N ARG A 56 -22.64 -16.60 -1.76
CA ARG A 56 -23.16 -15.89 -0.61
C ARG A 56 -24.43 -16.58 -0.11
N GLY A 57 -24.61 -16.60 1.21
CA GLY A 57 -25.75 -17.25 1.80
C GLY A 57 -26.99 -16.38 1.77
N LYS A 58 -28.08 -16.95 2.28
CA LYS A 58 -29.36 -16.26 2.37
C LYS A 58 -29.47 -15.58 3.73
N ARG A 59 -30.00 -14.36 3.72
CA ARG A 59 -30.14 -13.57 4.95
C ARG A 59 -31.27 -14.15 5.81
N LYS A 60 -31.23 -13.80 7.10
CA LYS A 60 -32.35 -14.15 7.96
C LYS A 60 -33.61 -13.38 7.57
N LYS A 61 -33.45 -12.16 7.09
CA LYS A 61 -34.58 -11.33 6.65
C LYS A 61 -34.19 -10.57 5.39
N GLY A 62 -35.20 -10.26 4.58
CA GLY A 62 -34.99 -9.47 3.37
C GLY A 62 -34.63 -10.31 2.16
N SER A 63 -34.34 -9.61 1.07
CA SER A 63 -33.98 -10.22 -0.20
C SER A 63 -32.51 -9.96 -0.49
N THR A 64 -31.76 -11.02 -0.77
CA THR A 64 -30.32 -10.92 -0.98
C THR A 64 -29.98 -10.80 -2.45
N MET A 65 -28.80 -10.25 -2.71
CA MET A 65 -28.24 -10.22 -4.05
C MET A 65 -27.35 -11.44 -4.27
N GLU A 66 -27.32 -11.89 -5.52
CA GLU A 66 -26.59 -13.09 -5.91
C GLU A 66 -25.46 -12.69 -6.87
N ARG A 67 -24.29 -13.30 -6.67
CA ARG A 67 -23.20 -13.11 -7.60
C ARG A 67 -23.51 -13.79 -8.93
N TRP A 68 -22.84 -13.34 -9.98
CA TRP A 68 -23.08 -13.88 -11.31
C TRP A 68 -22.63 -15.34 -11.37
N GLY A 69 -23.52 -16.21 -11.83
CA GLY A 69 -23.21 -17.63 -11.90
C GLY A 69 -22.98 -18.25 -10.55
N GLN A 70 -23.77 -17.86 -9.54
CA GLN A 70 -23.57 -18.31 -8.18
C GLN A 70 -24.26 -19.64 -7.90
N LYS A 71 -25.36 -19.95 -8.58
CA LYS A 71 -26.19 -21.09 -8.20
C LYS A 71 -25.44 -22.42 -8.33
N TYR A 72 -24.62 -22.55 -9.37
CA TYR A 72 -23.87 -23.79 -9.56
C TYR A 72 -22.91 -24.03 -8.40
N MET A 73 -22.15 -23.00 -8.04
CA MET A 73 -21.27 -23.11 -6.89
C MET A 73 -22.04 -23.32 -5.60
N THR A 74 -23.23 -22.71 -5.49
CA THR A 74 -24.05 -22.89 -4.30
C THR A 74 -24.46 -24.35 -4.14
N ALA A 75 -24.85 -24.99 -5.25
CA ALA A 75 -25.18 -26.41 -5.18
C ALA A 75 -23.99 -27.22 -4.70
N VAL A 76 -22.81 -26.97 -5.29
CA VAL A 76 -21.63 -27.75 -4.92
C VAL A 76 -21.30 -27.55 -3.44
N VAL A 77 -21.34 -26.30 -2.97
CA VAL A 77 -21.03 -26.03 -1.57
C VAL A 77 -22.09 -26.64 -0.66
N LYS A 78 -23.34 -26.70 -1.11
CA LYS A 78 -24.39 -27.34 -0.31
C LYS A 78 -24.13 -28.83 -0.16
N LEU A 79 -23.55 -29.47 -1.19
CA LEU A 79 -23.31 -30.91 -1.14
C LEU A 79 -22.53 -31.31 0.10
N PHE A 80 -21.56 -30.50 0.51
CA PHE A 80 -20.74 -30.83 1.67
C PHE A 80 -21.51 -30.71 2.99
N GLY A 81 -22.67 -30.04 2.98
CA GLY A 81 -23.59 -30.07 4.10
C GLY A 81 -23.01 -29.53 5.40
N PRO A 82 -23.01 -30.34 6.47
CA PRO A 82 -22.59 -29.83 7.78
C PRO A 82 -21.18 -29.24 7.84
N PHE A 83 -20.39 -29.35 6.76
CA PHE A 83 -19.06 -28.76 6.74
C PHE A 83 -19.05 -27.33 6.23
N THR A 84 -19.84 -27.06 5.19
CA THR A 84 -19.94 -25.70 4.65
C THR A 84 -20.98 -24.87 5.38
N ARG A 85 -22.08 -25.48 5.83
CA ARG A 85 -23.10 -24.66 6.50
C ARG A 85 -22.58 -24.12 7.82
N ASN A 86 -21.81 -24.92 8.55
CA ASN A 86 -21.28 -24.49 9.84
C ASN A 86 -20.22 -23.42 9.65
N TYR A 87 -20.23 -22.42 10.54
CA TYR A 87 -19.26 -21.34 10.53
C TYR A 87 -18.18 -21.49 11.60
N TYR A 88 -18.28 -22.48 12.48
CA TYR A 88 -17.10 -22.90 13.22
C TYR A 88 -16.16 -23.70 12.31
N VAL A 89 -16.72 -24.59 11.50
CA VAL A 89 -15.92 -25.35 10.54
C VAL A 89 -15.31 -24.40 9.51
N ARG A 90 -16.09 -23.42 9.05
CA ARG A 90 -15.59 -22.48 8.06
C ARG A 90 -14.42 -21.67 8.60
N ALA A 91 -14.55 -21.17 9.84
CA ALA A 91 -13.49 -20.34 10.40
C ALA A 91 -12.20 -21.13 10.62
N VAL A 92 -12.31 -22.33 11.19
CA VAL A 92 -11.11 -23.13 11.43
C VAL A 92 -10.51 -23.58 10.10
N LEU A 93 -11.36 -23.86 9.11
CA LEU A 93 -10.85 -24.26 7.81
C LEU A 93 -10.07 -23.12 7.16
N HIS A 94 -10.61 -21.90 7.22
CA HIS A 94 -9.90 -20.75 6.67
C HIS A 94 -8.59 -20.51 7.41
N LEU A 95 -8.60 -20.60 8.74
CA LEU A 95 -7.38 -20.36 9.49
C LEU A 95 -6.34 -21.42 9.18
N LEU A 96 -6.73 -22.69 9.14
CA LEU A 96 -5.78 -23.76 8.86
C LEU A 96 -5.24 -23.70 7.45
N LEU A 97 -6.03 -23.18 6.50
CA LEU A 97 -5.51 -22.98 5.16
C LEU A 97 -4.63 -21.73 5.06
N SER A 98 -4.87 -20.73 5.91
CA SER A 98 -4.06 -19.53 5.89
C SER A 98 -2.70 -19.73 6.57
N VAL A 99 -2.63 -20.63 7.56
CA VAL A 99 -1.37 -20.78 8.31
C VAL A 99 -0.20 -21.13 7.41
N PRO A 100 -0.27 -22.15 6.53
CA PRO A 100 0.91 -22.48 5.71
C PRO A 100 1.25 -21.44 4.67
N ALA A 101 0.34 -20.53 4.34
CA ALA A 101 0.64 -19.49 3.37
C ALA A 101 1.43 -18.33 3.97
N GLY A 102 1.63 -18.31 5.29
CA GLY A 102 2.31 -17.21 5.94
C GLY A 102 3.82 -17.27 5.95
N PHE A 103 4.42 -18.25 5.27
CA PHE A 103 5.88 -18.40 5.30
C PHE A 103 6.59 -17.55 4.25
N LEU A 104 5.88 -16.95 3.30
CA LEU A 104 6.47 -16.12 2.26
C LEU A 104 5.81 -14.74 2.27
N LEU A 105 6.59 -13.73 1.90
CA LEU A 105 6.05 -12.38 1.83
C LEU A 105 4.97 -12.26 0.77
N ALA A 106 5.12 -12.99 -0.34
CA ALA A 106 4.16 -12.86 -1.43
C ALA A 106 2.76 -13.27 -1.01
N THR A 107 2.63 -14.09 0.03
CA THR A 107 1.35 -14.62 0.47
C THR A 107 1.02 -14.27 1.91
N ILE A 108 1.86 -13.50 2.60
CA ILE A 108 1.53 -13.10 3.98
C ILE A 108 0.32 -12.18 3.99
N LEU A 109 0.16 -11.36 2.95
CA LEU A 109 -1.04 -10.53 2.86
C LEU A 109 -2.29 -11.40 2.78
N GLY A 110 -2.26 -12.42 1.92
CA GLY A 110 -3.37 -13.34 1.86
C GLY A 110 -3.61 -14.07 3.16
N THR A 111 -2.53 -14.44 3.85
CA THR A 111 -2.66 -15.07 5.16
C THR A 111 -3.38 -14.15 6.13
N ALA A 112 -2.94 -12.88 6.21
CA ALA A 112 -3.55 -11.94 7.14
C ALA A 112 -5.01 -11.70 6.81
N CYS A 113 -5.32 -11.51 5.52
CA CYS A 113 -6.71 -11.26 5.15
C CYS A 113 -7.59 -12.48 5.42
N LEU A 114 -7.06 -13.69 5.17
CA LEU A 114 -7.84 -14.89 5.45
C LEU A 114 -8.02 -15.11 6.94
N ALA A 115 -7.01 -14.74 7.75
CA ALA A 115 -7.17 -14.79 9.19
C ALA A 115 -8.25 -13.82 9.66
N ILE A 116 -8.28 -12.63 9.07
CA ILE A 116 -9.34 -11.67 9.39
C ILE A 116 -10.70 -12.24 9.03
N ALA A 117 -10.80 -12.83 7.83
CA ALA A 117 -12.07 -13.43 7.41
C ALA A 117 -12.48 -14.56 8.34
N SER A 118 -11.52 -15.37 8.78
CA SER A 118 -11.81 -16.43 9.74
C SER A 118 -12.29 -15.84 11.06
N GLY A 119 -11.72 -14.72 11.48
CA GLY A 119 -12.21 -14.06 12.68
C GLY A 119 -13.63 -13.58 12.54
N ILE A 120 -13.98 -13.04 11.38
CA ILE A 120 -15.35 -12.56 11.17
C ILE A 120 -16.30 -13.76 11.12
N TYR A 121 -15.86 -14.87 10.53
CA TYR A 121 -16.67 -16.09 10.55
C TYR A 121 -16.85 -16.61 11.97
N LEU A 122 -15.79 -16.53 12.79
CA LEU A 122 -15.92 -16.91 14.19
C LEU A 122 -16.97 -16.05 14.88
N LEU A 123 -16.93 -14.74 14.62
CA LEU A 123 -17.94 -13.84 15.20
C LEU A 123 -19.34 -14.23 14.77
N ALA A 124 -19.52 -14.50 13.47
CA ALA A 124 -20.83 -14.89 12.96
C ALA A 124 -21.29 -16.20 13.58
N ALA A 125 -20.38 -17.16 13.74
CA ALA A 125 -20.73 -18.44 14.35
C ALA A 125 -21.14 -18.26 15.80
N VAL A 126 -20.44 -17.40 16.54
CA VAL A 126 -20.83 -17.16 17.93
C VAL A 126 -22.21 -16.48 17.97
N ARG A 127 -22.49 -15.62 16.99
CA ARG A 127 -23.83 -15.03 16.91
C ARG A 127 -24.91 -16.06 16.57
N GLY A 128 -24.52 -17.26 16.13
CA GLY A 128 -25.47 -18.30 15.78
C GLY A 128 -25.84 -18.35 14.32
N GLU A 129 -25.24 -17.51 13.49
CA GLU A 129 -25.56 -17.44 12.07
C GLU A 129 -24.94 -18.62 11.33
N GLN A 130 -25.65 -19.08 10.30
CA GLN A 130 -25.27 -20.26 9.52
C GLN A 130 -25.42 -19.93 8.03
N TRP A 131 -24.87 -20.80 7.19
CA TRP A 131 -24.88 -20.62 5.74
C TRP A 131 -26.03 -21.45 5.17
N THR A 132 -27.11 -20.77 4.80
CA THR A 132 -28.25 -21.42 4.14
C THR A 132 -28.19 -21.14 2.64
N PRO A 133 -28.29 -22.14 1.77
CA PRO A 133 -28.18 -21.88 0.33
C PRO A 133 -29.34 -21.07 -0.21
N ILE A 134 -29.08 -20.36 -1.31
CA ILE A 134 -30.08 -19.56 -2.01
C ILE A 134 -30.62 -20.42 -3.15
N GLU A 135 -31.80 -21.02 -2.96
CA GLU A 135 -32.38 -21.78 -4.05
C GLU A 135 -32.97 -20.82 -5.09
N PRO A 136 -33.04 -21.24 -6.37
CA PRO A 136 -33.66 -20.39 -7.39
C PRO A 136 -35.18 -20.44 -7.34
N GLU B 8 -23.49 11.76 -21.92
CA GLU B 8 -22.87 12.16 -20.67
C GLU B 8 -21.44 12.61 -20.94
N GLY B 9 -21.28 13.63 -21.79
CA GLY B 9 -19.95 14.02 -22.22
C GLY B 9 -19.06 14.49 -21.08
N LEU B 10 -19.62 15.20 -20.10
CA LEU B 10 -18.82 15.74 -19.02
C LEU B 10 -18.16 14.64 -18.18
N SER B 11 -18.94 13.61 -17.78
CA SER B 11 -18.34 12.54 -16.99
C SER B 11 -17.42 11.67 -17.82
N ILE B 12 -17.74 11.45 -19.10
CA ILE B 12 -16.80 10.77 -19.98
C ILE B 12 -15.48 11.51 -19.96
N PHE B 13 -15.56 12.83 -20.12
CA PHE B 13 -14.36 13.63 -20.20
C PHE B 13 -13.58 13.58 -18.89
N VAL B 14 -14.27 13.60 -17.75
CA VAL B 14 -13.55 13.49 -16.48
C VAL B 14 -12.84 12.15 -16.40
N ILE B 15 -13.51 11.06 -16.80
CA ILE B 15 -12.85 9.76 -16.72
C ILE B 15 -11.69 9.68 -17.71
N LEU B 16 -11.81 10.33 -18.88
CA LEU B 16 -10.72 10.26 -19.85
C LEU B 16 -9.55 11.16 -19.44
N VAL B 17 -9.79 12.34 -18.88
CA VAL B 17 -8.68 13.12 -18.33
C VAL B 17 -8.05 12.36 -17.17
N TRP B 18 -8.88 11.78 -16.31
CA TRP B 18 -8.37 11.05 -15.15
C TRP B 18 -7.55 9.84 -15.56
N LEU B 19 -8.02 9.10 -16.56
CA LEU B 19 -7.30 7.93 -17.03
C LEU B 19 -6.08 8.32 -17.85
N GLY B 20 -6.15 9.40 -18.63
CA GLY B 20 -4.94 9.89 -19.25
C GLY B 20 -3.91 10.25 -18.20
N LEU B 21 -4.31 11.02 -17.19
CA LEU B 21 -3.39 11.48 -16.17
C LEU B 21 -2.91 10.35 -15.26
N ASN B 22 -3.53 9.19 -15.34
CA ASN B 22 -2.94 7.97 -14.78
C ASN B 22 -1.98 7.27 -15.75
N VAL B 23 -2.33 7.16 -17.03
CA VAL B 23 -1.46 6.49 -17.99
C VAL B 23 -0.17 7.29 -18.22
N PHE B 24 -0.31 8.61 -18.36
CA PHE B 24 0.85 9.49 -18.49
C PHE B 24 1.75 9.38 -17.27
N LEU B 25 1.17 9.41 -16.08
CA LEU B 25 1.99 9.28 -14.87
C LEU B 25 2.66 7.91 -14.82
N PHE B 26 1.93 6.86 -15.20
CA PHE B 26 2.53 5.53 -15.18
C PHE B 26 3.73 5.46 -16.11
N VAL B 27 3.55 5.85 -17.37
CA VAL B 27 4.64 5.82 -18.33
C VAL B 27 5.77 6.74 -17.91
N TRP B 28 5.42 7.90 -17.34
CA TRP B 28 6.43 8.92 -17.05
C TRP B 28 7.29 8.54 -15.86
N TYR B 29 6.67 8.20 -14.73
CA TYR B 29 7.45 7.73 -13.59
C TYR B 29 7.99 6.32 -13.80
N TYR B 30 7.53 5.62 -14.84
CA TYR B 30 8.21 4.42 -15.29
C TYR B 30 9.55 4.75 -15.93
N ARG B 31 9.54 5.71 -16.87
CA ARG B 31 10.74 6.06 -17.60
C ARG B 31 11.68 6.95 -16.79
N VAL B 32 11.18 7.62 -15.74
CA VAL B 32 12.04 8.40 -14.85
C VAL B 32 12.85 7.49 -13.95
N TYR B 33 12.41 6.24 -13.77
CA TYR B 33 13.11 5.27 -12.94
C TYR B 33 13.65 4.10 -13.74
N ASP B 34 13.55 4.14 -15.07
CA ASP B 34 13.99 3.05 -15.93
C ASP B 34 15.13 3.43 -16.86
N ILE B 35 15.04 4.58 -17.53
CA ILE B 35 16.06 5.03 -18.49
C ILE B 35 17.24 5.76 -17.84
N PRO B 36 17.03 6.74 -16.95
CA PRO B 36 18.13 7.64 -16.62
C PRO B 36 19.27 6.90 -15.97
N PRO B 37 20.52 7.34 -16.17
CA PRO B 37 21.66 6.61 -15.62
C PRO B 37 21.84 6.82 -14.13
N LYS B 38 21.01 7.67 -13.52
CA LYS B 38 21.00 7.82 -12.08
C LYS B 38 20.57 6.54 -11.40
N PHE B 39 19.62 5.81 -12.01
CA PHE B 39 19.11 4.56 -11.49
C PHE B 39 19.75 3.34 -12.16
N PHE B 40 20.95 3.49 -12.72
CA PHE B 40 21.56 2.38 -13.44
C PHE B 40 21.90 1.22 -12.51
N TYR B 41 22.57 1.52 -11.39
CA TYR B 41 22.99 0.44 -10.50
C TYR B 41 21.81 -0.19 -9.79
N THR B 42 20.83 0.61 -9.39
CA THR B 42 19.65 0.07 -8.72
C THR B 42 18.80 -0.76 -9.66
N ARG B 43 18.88 -0.52 -10.97
CA ARG B 43 18.12 -1.29 -11.94
C ARG B 43 18.75 -2.64 -12.26
N LYS B 44 19.99 -2.87 -11.83
CA LYS B 44 20.61 -4.17 -11.97
C LYS B 44 20.43 -5.05 -10.75
N LEU B 45 20.28 -4.43 -9.58
CA LEU B 45 19.88 -5.16 -8.38
C LEU B 45 18.39 -5.49 -8.39
N LEU B 46 17.57 -4.59 -8.96
CA LEU B 46 16.12 -4.75 -8.97
C LEU B 46 15.55 -5.06 -10.34
N GLY B 47 16.37 -5.01 -11.40
CA GLY B 47 15.85 -5.38 -12.72
C GLY B 47 14.80 -4.41 -13.19
N SER B 48 13.83 -4.92 -13.97
CA SER B 48 12.73 -4.11 -14.45
C SER B 48 11.65 -3.90 -13.40
N ALA B 49 11.68 -4.64 -12.30
CA ALA B 49 10.65 -4.52 -11.25
C ALA B 49 10.77 -3.25 -10.44
N LEU B 50 11.76 -2.39 -10.73
CA LEU B 50 11.88 -1.11 -10.04
C LEU B 50 10.84 -0.13 -10.56
N ALA B 51 10.83 0.11 -11.87
CA ALA B 51 9.88 1.08 -12.43
C ALA B 51 8.44 0.59 -12.31
N LEU B 52 8.21 -0.72 -12.41
CA LEU B 52 6.87 -1.26 -12.20
C LEU B 52 6.35 -0.98 -10.80
N ALA B 53 7.25 -0.69 -9.85
CA ALA B 53 6.85 -0.36 -8.49
C ALA B 53 6.69 1.13 -8.28
N ARG B 54 7.42 1.95 -9.03
CA ARG B 54 7.45 3.40 -8.80
C ARG B 54 6.45 4.16 -9.66
N ALA B 55 6.11 3.65 -10.85
CA ALA B 55 5.05 4.29 -11.63
C ALA B 55 3.70 4.21 -10.91
N PRO B 56 3.28 3.06 -10.38
CA PRO B 56 2.06 3.05 -9.57
C PRO B 56 2.14 3.94 -8.35
N ALA B 57 3.33 4.23 -7.85
CA ALA B 57 3.44 5.13 -6.70
C ALA B 57 2.90 6.52 -7.03
N ALA B 58 3.32 7.08 -8.16
CA ALA B 58 2.82 8.38 -8.57
C ALA B 58 1.36 8.31 -8.99
N CYS B 59 0.97 7.21 -9.66
CA CYS B 59 -0.43 7.05 -10.00
C CYS B 59 -1.30 7.03 -8.75
N LEU B 60 -0.83 6.35 -7.69
CA LEU B 60 -1.53 6.35 -6.42
C LEU B 60 -1.51 7.72 -5.77
N ASN B 61 -0.42 8.46 -5.92
CA ASN B 61 -0.40 9.83 -5.41
C ASN B 61 -1.55 10.66 -5.99
N PHE B 62 -1.77 10.53 -7.30
CA PHE B 62 -2.84 11.28 -7.97
C PHE B 62 -4.23 10.75 -7.58
N ASN B 63 -4.39 9.43 -7.58
CA ASN B 63 -5.70 8.87 -7.26
C ASN B 63 -6.05 9.08 -5.78
N CYS B 64 -5.05 9.22 -4.90
CA CYS B 64 -5.32 9.36 -3.48
C CYS B 64 -5.87 10.72 -3.13
N MET B 65 -5.52 11.76 -3.91
CA MET B 65 -6.28 12.99 -3.78
C MET B 65 -7.65 12.84 -4.43
N LEU B 66 -7.72 12.17 -5.57
CA LEU B 66 -9.03 12.14 -6.22
C LEU B 66 -10.07 11.30 -5.48
N ILE B 67 -9.69 10.51 -4.48
CA ILE B 67 -10.72 9.77 -3.74
C ILE B 67 -11.43 10.66 -2.72
N LEU B 68 -10.68 11.47 -1.95
CA LEU B 68 -11.31 12.20 -0.88
C LEU B 68 -12.16 13.36 -1.37
N LEU B 69 -11.86 13.88 -2.57
CA LEU B 69 -12.56 15.09 -3.03
C LEU B 69 -14.04 14.84 -3.29
N PRO B 70 -14.46 13.84 -4.07
CA PRO B 70 -15.91 13.71 -4.34
C PRO B 70 -16.74 13.39 -3.10
N VAL B 71 -16.13 12.86 -2.05
CA VAL B 71 -16.87 12.48 -0.84
C VAL B 71 -16.87 13.63 0.17
N CYS B 72 -16.43 14.81 -0.25
CA CYS B 72 -16.60 16.02 0.57
C CYS B 72 -18.02 16.53 0.36
N ARG B 73 -18.96 15.97 1.13
CA ARG B 73 -20.36 16.27 0.88
C ARG B 73 -20.74 17.66 1.37
N ASN B 74 -20.15 18.17 2.45
CA ASN B 74 -20.48 19.53 2.88
C ASN B 74 -19.83 20.58 1.99
N LEU B 75 -18.58 20.37 1.56
CA LEU B 75 -17.99 21.29 0.59
C LEU B 75 -18.76 21.25 -0.71
N LEU B 76 -19.22 20.07 -1.14
CA LEU B 76 -20.00 20.01 -2.36
C LEU B 76 -21.38 20.65 -2.17
N SER B 77 -21.91 20.61 -0.94
CA SER B 77 -23.12 21.39 -0.65
C SER B 77 -22.85 22.88 -0.82
N PHE B 78 -21.70 23.35 -0.31
CA PHE B 78 -21.36 24.76 -0.48
C PHE B 78 -21.14 25.11 -1.94
N LEU B 79 -20.56 24.19 -2.72
CA LEU B 79 -20.32 24.46 -4.13
C LEU B 79 -21.65 24.48 -4.90
N ARG B 80 -22.61 23.64 -4.51
CA ARG B 80 -23.94 23.73 -5.11
C ARG B 80 -24.62 25.03 -4.71
N GLY B 81 -24.43 25.48 -3.47
CA GLY B 81 -24.98 26.76 -3.06
C GLY B 81 -24.38 27.92 -3.84
N SER B 82 -23.07 27.86 -4.07
CA SER B 82 -22.43 28.87 -4.93
C SER B 82 -22.97 28.78 -6.35
N SER B 83 -23.25 27.58 -6.83
CA SER B 83 -23.82 27.38 -8.15
C SER B 83 -25.19 28.04 -8.25
N THR B 88 -29.29 20.86 -15.76
CA THR B 88 -29.65 19.87 -14.75
C THR B 88 -28.90 18.57 -14.99
N ARG B 89 -28.66 18.25 -16.26
CA ARG B 89 -27.87 17.06 -16.59
C ARG B 89 -26.48 17.16 -15.98
N VAL B 90 -25.82 18.31 -16.14
CA VAL B 90 -24.50 18.50 -15.56
C VAL B 90 -24.56 18.40 -14.04
N ARG B 91 -25.66 18.89 -13.45
CA ARG B 91 -25.84 18.75 -12.00
C ARG B 91 -25.87 17.28 -11.61
N ARG B 92 -26.55 16.44 -12.39
CA ARG B 92 -26.52 15.01 -12.14
C ARG B 92 -25.13 14.44 -12.32
N GLN B 93 -24.41 14.89 -13.36
CA GLN B 93 -23.08 14.36 -13.64
C GLN B 93 -22.12 14.65 -12.49
N LEU B 94 -22.20 15.86 -11.91
CA LEU B 94 -21.43 16.18 -10.72
C LEU B 94 -22.02 15.57 -9.45
N ASP B 95 -23.23 15.02 -9.52
CA ASP B 95 -23.80 14.22 -8.45
C ASP B 95 -23.43 12.75 -8.57
N ARG B 96 -22.62 12.38 -9.56
CA ARG B 96 -21.98 11.07 -9.63
C ARG B 96 -20.66 11.04 -8.88
N ASN B 97 -20.51 11.94 -7.90
CA ASN B 97 -19.29 11.99 -7.11
C ASN B 97 -19.01 10.65 -6.45
N LEU B 98 -20.04 9.97 -5.97
CA LEU B 98 -19.84 8.66 -5.35
C LEU B 98 -19.38 7.64 -6.38
N THR B 99 -19.96 7.65 -7.58
CA THR B 99 -19.52 6.72 -8.62
C THR B 99 -18.05 6.97 -8.98
N PHE B 100 -17.66 8.25 -9.09
CA PHE B 100 -16.25 8.57 -9.35
C PHE B 100 -15.38 8.07 -8.21
N HIS B 101 -15.81 8.31 -6.98
CA HIS B 101 -15.11 7.78 -5.81
C HIS B 101 -14.90 6.28 -5.92
N LYS B 102 -15.95 5.55 -6.32
CA LYS B 102 -15.87 4.10 -6.44
C LYS B 102 -14.81 3.70 -7.44
N MET B 103 -14.89 4.24 -8.65
CA MET B 103 -13.96 3.81 -9.70
C MET B 103 -12.53 4.26 -9.40
N VAL B 104 -12.36 5.43 -8.79
CA VAL B 104 -11.04 5.92 -8.44
C VAL B 104 -10.42 5.04 -7.36
N ALA B 105 -11.22 4.63 -6.37
CA ALA B 105 -10.71 3.70 -5.36
C ALA B 105 -10.38 2.34 -5.99
N TRP B 106 -11.18 1.91 -6.96
CA TRP B 106 -10.89 0.66 -7.65
C TRP B 106 -9.56 0.72 -8.39
N MET B 107 -9.28 1.85 -9.05
CA MET B 107 -8.01 1.96 -9.75
C MET B 107 -6.85 2.21 -8.79
N ILE B 108 -7.11 2.78 -7.61
CA ILE B 108 -6.14 2.70 -6.52
C ILE B 108 -5.83 1.24 -6.22
N ALA B 109 -6.86 0.40 -6.14
CA ALA B 109 -6.64 -1.01 -5.85
C ALA B 109 -5.78 -1.65 -6.94
N LEU B 110 -6.06 -1.33 -8.21
CA LEU B 110 -5.26 -1.84 -9.30
C LEU B 110 -3.80 -1.43 -9.15
N HIS B 111 -3.55 -0.12 -9.02
CA HIS B 111 -2.17 0.36 -8.98
C HIS B 111 -1.47 -0.07 -7.71
N SER B 112 -2.20 -0.21 -6.61
CA SER B 112 -1.65 -0.76 -5.39
C SER B 112 -1.26 -2.21 -5.57
N ALA B 113 -2.07 -2.99 -6.30
CA ALA B 113 -1.70 -4.36 -6.59
C ALA B 113 -0.42 -4.42 -7.42
N ILE B 114 -0.33 -3.56 -8.43
CA ILE B 114 0.88 -3.55 -9.27
C ILE B 114 2.09 -3.15 -8.43
N HIS B 115 1.94 -2.10 -7.62
CA HIS B 115 3.00 -1.62 -6.73
C HIS B 115 3.45 -2.72 -5.77
N THR B 116 2.48 -3.37 -5.13
CA THR B 116 2.79 -4.41 -4.16
C THR B 116 3.48 -5.59 -4.82
N ILE B 117 3.00 -6.02 -6.00
CA ILE B 117 3.60 -7.16 -6.69
C ILE B 117 5.04 -6.82 -7.08
N ALA B 118 5.25 -5.63 -7.66
CA ALA B 118 6.60 -5.24 -8.05
C ALA B 118 7.52 -5.16 -6.84
N HIS B 119 6.98 -4.71 -5.70
CA HIS B 119 7.81 -4.64 -4.50
C HIS B 119 8.03 -6.01 -3.88
N LEU B 120 7.12 -6.96 -4.10
CA LEU B 120 7.39 -8.34 -3.71
C LEU B 120 8.59 -8.87 -4.50
N PHE B 121 8.60 -8.60 -5.80
CA PHE B 121 9.79 -8.91 -6.61
C PHE B 121 11.02 -8.21 -6.08
N ASN B 122 10.88 -6.93 -5.72
CA ASN B 122 12.04 -6.16 -5.23
C ASN B 122 12.59 -6.75 -3.95
N VAL B 123 11.72 -7.08 -3.01
CA VAL B 123 12.15 -7.66 -1.74
C VAL B 123 12.79 -9.02 -1.97
N GLU B 124 12.19 -9.85 -2.83
CA GLU B 124 12.77 -11.15 -3.13
C GLU B 124 14.19 -11.00 -3.66
N TRP B 125 14.37 -10.17 -4.67
CA TRP B 125 15.68 -10.01 -5.29
C TRP B 125 16.65 -9.20 -4.44
N CYS B 126 16.16 -8.53 -3.40
CA CYS B 126 17.05 -7.82 -2.49
C CYS B 126 17.48 -8.65 -1.30
N VAL B 127 16.74 -9.70 -0.98
CA VAL B 127 17.21 -10.68 0.01
C VAL B 127 18.09 -11.73 -0.65
N ASN B 128 17.71 -12.17 -1.86
CA ASN B 128 18.46 -13.17 -2.59
C ASN B 128 19.91 -12.73 -2.83
N ALA B 129 20.09 -11.49 -3.30
CA ALA B 129 21.44 -10.99 -3.52
C ALA B 129 22.20 -10.83 -2.22
N ARG B 130 21.50 -10.48 -1.14
CA ARG B 130 22.19 -10.26 0.12
C ARG B 130 22.78 -11.54 0.68
N VAL B 131 22.15 -12.69 0.43
CA VAL B 131 22.66 -13.95 1.00
C VAL B 131 23.43 -14.78 -0.03
N ASN B 132 24.01 -14.13 -1.04
CA ASN B 132 24.79 -14.80 -2.08
C ASN B 132 23.97 -15.91 -2.75
N ASN B 133 22.80 -15.53 -3.24
CA ASN B 133 21.90 -16.44 -3.94
C ASN B 133 21.39 -15.79 -5.21
N SER B 134 22.24 -15.00 -5.87
CA SER B 134 21.86 -14.30 -7.09
C SER B 134 23.09 -14.23 -7.99
N ASP B 135 23.01 -13.42 -9.04
CA ASP B 135 24.13 -13.26 -9.94
C ASP B 135 25.27 -12.53 -9.23
N PRO B 136 26.51 -12.70 -9.69
CA PRO B 136 27.63 -12.06 -8.99
C PRO B 136 27.51 -10.55 -8.83
N TYR B 137 27.02 -9.86 -9.86
CA TYR B 137 27.01 -8.40 -9.81
C TYR B 137 26.01 -7.87 -8.79
N SER B 138 24.82 -8.47 -8.71
CA SER B 138 23.85 -8.03 -7.72
C SER B 138 24.34 -8.30 -6.31
N VAL B 139 24.96 -9.45 -6.09
CA VAL B 139 25.51 -9.76 -4.76
C VAL B 139 26.60 -8.76 -4.41
N ALA B 140 27.46 -8.42 -5.37
CA ALA B 140 28.50 -7.43 -5.12
C ALA B 140 27.90 -6.06 -4.80
N LEU B 141 26.82 -5.69 -5.50
CA LEU B 141 26.18 -4.41 -5.23
C LEU B 141 25.52 -4.39 -3.87
N SER B 142 24.97 -5.52 -3.42
CA SER B 142 24.38 -5.58 -2.09
C SER B 142 25.40 -5.41 -0.99
N GLU B 143 26.69 -5.56 -1.29
CA GLU B 143 27.73 -5.41 -0.28
C GLU B 143 27.92 -3.97 0.16
N LEU B 144 27.44 -3.00 -0.63
CA LEU B 144 27.62 -1.61 -0.27
C LEU B 144 26.72 -1.23 0.91
N GLY B 145 27.22 -0.32 1.74
CA GLY B 145 26.53 0.12 2.93
C GLY B 145 26.88 -0.62 4.20
N ASP B 146 27.63 -1.72 4.09
CA ASP B 146 28.04 -2.44 5.29
C ASP B 146 29.02 -1.63 6.13
N ARG B 147 29.92 -0.91 5.47
CA ARG B 147 31.05 -0.24 6.11
C ARG B 147 30.80 1.26 6.21
N GLN B 148 31.79 1.97 6.75
CA GLN B 148 31.72 3.41 6.89
C GLN B 148 31.91 4.09 5.53
N ASN B 149 31.34 5.29 5.41
CA ASN B 149 31.52 6.14 4.23
C ASN B 149 30.99 5.49 2.96
N GLU B 150 29.90 4.73 3.07
CA GLU B 150 29.25 4.17 1.89
C GLU B 150 27.78 3.97 2.20
N SER B 151 26.92 4.34 1.24
CA SER B 151 25.48 4.27 1.38
C SER B 151 24.96 3.04 0.62
N TYR B 152 24.13 2.24 1.29
CA TYR B 152 23.69 0.98 0.71
C TYR B 152 22.82 1.23 -0.51
N LEU B 153 22.84 0.25 -1.42
CA LEU B 153 21.86 0.18 -2.50
C LEU B 153 20.81 -0.89 -2.26
N ASN B 154 21.18 -1.96 -1.57
CA ASN B 154 20.26 -3.03 -1.20
C ASN B 154 19.70 -2.72 0.18
N PHE B 155 18.39 -2.55 0.28
CA PHE B 155 17.79 -2.17 1.55
C PHE B 155 17.56 -3.35 2.48
N ALA B 156 17.91 -4.57 2.06
CA ALA B 156 18.02 -5.71 2.96
C ALA B 156 19.46 -5.76 3.48
N ARG B 157 19.63 -5.51 4.77
CA ARG B 157 20.95 -5.36 5.38
C ARG B 157 21.36 -6.57 6.20
N LYS B 158 20.43 -7.21 6.90
CA LYS B 158 20.75 -8.42 7.66
C LYS B 158 20.72 -9.63 6.74
N ARG B 159 21.68 -10.53 6.96
CA ARG B 159 21.82 -11.72 6.13
C ARG B 159 20.88 -12.80 6.66
N ILE B 160 19.59 -12.61 6.38
CA ILE B 160 18.55 -13.58 6.66
C ILE B 160 18.09 -14.15 5.33
N LYS B 161 18.15 -15.47 5.19
CA LYS B 161 17.80 -16.09 3.93
C LYS B 161 16.30 -16.02 3.68
N ASN B 162 15.92 -16.01 2.40
CA ASN B 162 14.52 -16.08 2.06
C ASN B 162 13.95 -17.44 2.42
N PRO B 163 12.63 -17.54 2.65
CA PRO B 163 11.64 -16.47 2.61
C PRO B 163 11.48 -15.69 3.92
N GLU B 164 12.23 -16.08 4.96
CA GLU B 164 12.14 -15.37 6.22
C GLU B 164 12.68 -13.95 6.11
N GLY B 165 13.64 -13.73 5.21
CA GLY B 165 14.21 -12.39 5.06
C GLY B 165 13.19 -11.38 4.55
N GLY B 166 12.37 -11.78 3.58
CA GLY B 166 11.33 -10.89 3.11
C GLY B 166 10.32 -10.54 4.19
N LEU B 167 9.93 -11.54 4.98
CA LEU B 167 9.04 -11.29 6.11
C LEU B 167 9.68 -10.35 7.11
N TYR B 168 10.98 -10.53 7.39
CA TYR B 168 11.68 -9.65 8.32
C TYR B 168 11.66 -8.22 7.80
N LEU B 169 11.91 -8.03 6.51
CA LEU B 169 11.85 -6.69 5.94
C LEU B 169 10.45 -6.11 6.05
N ALA B 170 9.43 -6.94 5.84
CA ALA B 170 8.06 -6.46 5.96
C ALA B 170 7.76 -5.99 7.37
N VAL B 171 8.23 -6.73 8.39
CA VAL B 171 7.90 -6.41 9.77
C VAL B 171 8.91 -5.47 10.43
N THR B 172 9.96 -5.05 9.72
CA THR B 172 10.96 -4.13 10.27
C THR B 172 11.09 -2.84 9.47
N LEU B 173 11.07 -2.90 8.15
CA LEU B 173 11.10 -1.67 7.36
C LEU B 173 9.82 -0.88 7.60
N LEU B 174 9.96 0.43 7.74
CA LEU B 174 8.78 1.28 7.88
C LEU B 174 7.90 1.19 6.64
N ALA B 175 8.52 1.18 5.45
CA ALA B 175 7.75 1.05 4.23
C ALA B 175 6.99 -0.27 4.21
N GLY B 176 7.63 -1.36 4.62
CA GLY B 176 6.95 -2.65 4.64
C GLY B 176 5.81 -2.69 5.64
N ILE B 177 6.05 -2.19 6.86
CA ILE B 177 5.02 -2.21 7.90
C ILE B 177 3.83 -1.36 7.46
N THR B 178 4.11 -0.15 6.97
CA THR B 178 3.04 0.74 6.54
C THR B 178 2.31 0.15 5.35
N GLY B 179 3.04 -0.45 4.41
CA GLY B 179 2.40 -1.08 3.26
C GLY B 179 1.45 -2.19 3.67
N VAL B 180 1.90 -3.07 4.57
CA VAL B 180 1.03 -4.14 5.06
C VAL B 180 -0.20 -3.55 5.74
N VAL B 181 0.00 -2.58 6.64
CA VAL B 181 -1.12 -2.02 7.38
C VAL B 181 -2.13 -1.38 6.44
N ILE B 182 -1.65 -0.54 5.53
CA ILE B 182 -2.58 0.19 4.66
C ILE B 182 -3.16 -0.72 3.57
N THR B 183 -2.48 -1.82 3.21
CA THR B 183 -3.09 -2.78 2.30
C THR B 183 -4.21 -3.55 2.99
N LEU B 184 -4.03 -3.91 4.26
CA LEU B 184 -5.13 -4.48 5.02
C LEU B 184 -6.27 -3.47 5.14
N CYS B 185 -5.95 -2.21 5.42
CA CYS B 185 -6.97 -1.18 5.57
C CYS B 185 -7.64 -0.82 4.25
N LEU B 186 -7.01 -1.13 3.11
CA LEU B 186 -7.63 -0.91 1.82
C LEU B 186 -8.49 -2.12 1.42
N ILE B 187 -7.97 -3.33 1.60
CA ILE B 187 -8.75 -4.53 1.30
C ILE B 187 -10.00 -4.57 2.16
N LEU B 188 -9.88 -4.20 3.43
CA LEU B 188 -11.04 -4.19 4.30
C LEU B 188 -12.08 -3.18 3.83
N ILE B 189 -11.64 -1.98 3.42
CA ILE B 189 -12.56 -0.99 2.88
C ILE B 189 -13.26 -1.54 1.64
N ILE B 190 -12.50 -2.12 0.72
CA ILE B 190 -13.10 -2.61 -0.53
C ILE B 190 -14.10 -3.72 -0.24
N THR B 191 -13.74 -4.66 0.62
CA THR B 191 -14.62 -5.80 0.88
C THR B 191 -15.86 -5.38 1.67
N SER B 192 -15.76 -4.35 2.51
CA SER B 192 -16.91 -3.83 3.22
C SER B 192 -17.62 -2.71 2.48
N SER B 193 -17.18 -2.38 1.26
CA SER B 193 -17.84 -1.40 0.41
C SER B 193 -18.51 -2.05 -0.80
N THR B 194 -18.81 -3.34 -0.71
CA THR B 194 -19.65 -3.98 -1.70
C THR B 194 -21.10 -3.58 -1.44
N LYS B 195 -21.91 -3.59 -2.51
CA LYS B 195 -23.30 -3.12 -2.42
C LYS B 195 -24.05 -3.81 -1.29
N THR B 196 -23.75 -5.09 -1.04
CA THR B 196 -24.42 -5.82 0.04
C THR B 196 -24.22 -5.12 1.38
N ILE B 197 -22.98 -4.78 1.71
CA ILE B 197 -22.71 -4.11 2.97
C ILE B 197 -23.18 -2.65 2.92
N ARG B 198 -23.01 -1.99 1.77
CA ARG B 198 -23.43 -0.60 1.62
C ARG B 198 -24.94 -0.43 1.55
N ARG B 199 -25.72 -1.52 1.54
CA ARG B 199 -27.17 -1.46 1.42
C ARG B 199 -27.94 -2.30 2.43
N SER B 200 -27.28 -3.23 3.12
CA SER B 200 -27.94 -4.05 4.13
C SER B 200 -27.36 -3.85 5.52
N TYR B 201 -26.06 -3.62 5.61
CA TYR B 201 -25.35 -3.37 6.86
C TYR B 201 -24.51 -2.11 6.74
N PHE B 202 -25.17 -1.05 6.27
CA PHE B 202 -24.51 0.24 6.09
C PHE B 202 -23.79 0.69 7.36
N GLU B 203 -24.26 0.26 8.53
CA GLU B 203 -23.53 0.51 9.77
C GLU B 203 -22.10 -0.01 9.67
N VAL B 204 -21.95 -1.28 9.24
CA VAL B 204 -20.62 -1.87 9.09
C VAL B 204 -19.83 -1.15 8.02
N PHE B 205 -20.48 -0.84 6.88
CA PHE B 205 -19.79 -0.11 5.83
C PHE B 205 -19.22 1.18 6.37
N TRP B 206 -20.05 1.99 7.04
CA TRP B 206 -19.60 3.31 7.47
C TRP B 206 -18.53 3.22 8.54
N TYR B 207 -18.64 2.25 9.46
CA TYR B 207 -17.63 2.14 10.51
C TYR B 207 -16.29 1.64 9.96
N THR B 208 -16.30 0.56 9.17
CA THR B 208 -15.05 0.01 8.65
C THR B 208 -14.54 0.79 7.44
N HIS B 209 -15.35 1.67 6.88
CA HIS B 209 -14.94 2.60 5.85
C HIS B 209 -14.20 3.80 6.42
N HIS B 210 -14.20 3.94 7.74
CA HIS B 210 -13.39 4.93 8.44
C HIS B 210 -11.97 4.43 8.71
N LEU B 211 -11.54 3.41 7.99
CA LEU B 211 -10.11 3.06 7.96
C LEU B 211 -9.34 3.91 6.97
N PHE B 212 -10.01 4.83 6.26
CA PHE B 212 -9.27 5.74 5.39
C PHE B 212 -8.32 6.61 6.20
N VAL B 213 -8.67 6.91 7.45
CA VAL B 213 -7.76 7.71 8.27
C VAL B 213 -6.47 6.93 8.52
N ILE B 214 -6.57 5.66 8.89
CA ILE B 214 -5.37 4.86 9.10
C ILE B 214 -4.62 4.68 7.79
N PHE B 215 -5.36 4.45 6.70
CA PHE B 215 -4.74 4.30 5.38
C PHE B 215 -3.91 5.52 5.03
N PHE B 216 -4.48 6.71 5.21
CA PHE B 216 -3.79 7.94 4.83
C PHE B 216 -2.65 8.28 5.78
N ILE B 217 -2.81 7.98 7.08
CA ILE B 217 -1.72 8.22 8.03
C ILE B 217 -0.53 7.33 7.67
N GLY B 218 -0.79 6.04 7.42
CA GLY B 218 0.29 5.16 7.00
C GLY B 218 0.88 5.54 5.66
N LEU B 219 0.03 6.05 4.76
CA LEU B 219 0.49 6.44 3.42
C LEU B 219 1.35 7.70 3.47
N ALA B 220 1.06 8.62 4.38
CA ALA B 220 1.86 9.83 4.49
C ALA B 220 3.29 9.52 4.94
N ILE B 221 3.45 8.58 5.87
CA ILE B 221 4.76 8.20 6.40
C ILE B 221 5.30 6.98 5.67
N HIS B 222 4.67 6.59 4.57
CA HIS B 222 5.01 5.34 3.91
C HIS B 222 6.41 5.37 3.33
N GLY B 223 6.79 6.48 2.70
CA GLY B 223 8.08 6.58 2.04
C GLY B 223 9.11 7.41 2.78
N ALA B 224 9.03 7.44 4.10
CA ALA B 224 9.93 8.28 4.89
C ALA B 224 11.35 7.72 4.95
N GLU B 225 11.53 6.42 4.79
CA GLU B 225 12.86 5.83 4.95
C GLU B 225 13.77 6.09 3.78
N ARG B 226 13.21 6.28 2.58
CA ARG B 226 14.02 6.49 1.37
C ARG B 226 14.92 5.28 1.10
N ILE B 227 14.36 4.09 1.23
CA ILE B 227 15.17 2.89 1.02
C ILE B 227 15.44 2.69 -0.47
N VAL B 228 14.47 3.00 -1.33
CA VAL B 228 14.68 2.91 -2.77
C VAL B 228 15.59 4.07 -3.17
N ARG B 229 16.84 3.75 -3.48
CA ARG B 229 17.90 4.75 -3.62
C ARG B 229 18.47 4.74 -5.02
N GLY B 230 18.76 5.94 -5.53
CA GLY B 230 19.46 6.11 -6.78
C GLY B 230 20.74 6.90 -6.58
N GLN B 231 21.69 6.78 -7.50
CA GLN B 231 22.98 7.42 -7.33
C GLN B 231 22.86 8.94 -7.38
N THR B 232 23.57 9.62 -6.49
CA THR B 232 23.40 11.06 -6.35
C THR B 232 23.99 11.79 -7.55
N ALA B 233 23.59 13.05 -7.71
CA ALA B 233 24.06 13.85 -8.85
C ALA B 233 25.57 14.08 -8.79
N GLU B 234 26.09 14.42 -7.61
CA GLU B 234 27.53 14.63 -7.48
C GLU B 234 28.30 13.33 -7.73
N SER B 235 27.78 12.23 -7.18
CA SER B 235 28.41 10.93 -7.43
C SER B 235 28.41 10.61 -8.92
N LEU B 236 27.27 10.84 -9.59
CA LEU B 236 27.20 10.64 -11.04
C LEU B 236 28.22 11.50 -11.76
N ALA B 237 28.43 12.74 -11.28
CA ALA B 237 29.41 13.61 -11.90
C ALA B 237 30.82 13.05 -11.76
N VAL B 238 31.16 12.50 -10.59
CA VAL B 238 32.50 11.98 -10.38
C VAL B 238 32.65 10.52 -10.80
N HIS B 239 31.54 9.79 -10.94
CA HIS B 239 31.55 8.35 -11.17
C HIS B 239 30.92 8.05 -12.53
N ASN B 240 31.74 8.02 -13.57
CA ASN B 240 31.27 7.76 -14.93
C ASN B 240 30.94 6.28 -15.07
N ILE B 241 29.66 5.96 -15.19
CA ILE B 241 29.21 4.58 -15.03
C ILE B 241 29.66 3.72 -16.20
N THR B 242 29.58 4.22 -17.43
CA THR B 242 29.98 3.41 -18.58
C THR B 242 31.45 2.99 -18.50
N VAL B 243 32.26 3.73 -17.75
CA VAL B 243 33.63 3.32 -17.47
C VAL B 243 33.72 2.45 -16.22
N CYS B 244 32.86 2.70 -15.23
CA CYS B 244 33.03 2.15 -13.88
C CYS B 244 32.22 0.89 -13.60
N GLU B 245 31.39 0.44 -14.54
CA GLU B 245 30.52 -0.70 -14.26
C GLU B 245 31.31 -1.97 -14.07
N GLN B 246 32.23 -2.25 -14.99
CA GLN B 246 32.98 -3.51 -15.01
C GLN B 246 34.15 -3.53 -14.05
N LYS B 247 34.45 -2.40 -13.40
CA LYS B 247 35.55 -2.28 -12.45
C LYS B 247 35.02 -2.18 -11.02
N ILE B 248 33.92 -2.90 -10.74
CA ILE B 248 33.30 -2.86 -9.42
C ILE B 248 34.25 -3.41 -8.36
N SER B 249 35.05 -4.42 -8.70
CA SER B 249 35.92 -5.05 -7.71
C SER B 249 36.98 -4.08 -7.18
N GLU B 250 37.21 -2.96 -7.84
CA GLU B 250 38.22 -1.98 -7.44
C GLU B 250 37.62 -0.58 -7.28
N TRP B 251 36.32 -0.50 -6.98
CA TRP B 251 35.70 0.80 -6.75
C TRP B 251 36.29 1.47 -5.51
N GLY B 252 36.48 2.78 -5.60
CA GLY B 252 37.15 3.53 -4.55
C GLY B 252 38.65 3.42 -4.55
N LYS B 253 39.23 2.76 -5.56
CA LYS B 253 40.66 2.51 -5.61
C LYS B 253 41.32 3.02 -6.89
N ILE B 254 40.60 3.81 -7.69
CA ILE B 254 41.20 4.48 -8.84
C ILE B 254 40.65 5.91 -8.90
N LYS B 255 41.36 6.77 -9.63
CA LYS B 255 40.91 8.15 -9.81
C LYS B 255 39.54 8.19 -10.47
N GLU B 256 39.32 7.36 -11.49
CA GLU B 256 38.15 7.50 -12.35
C GLU B 256 36.87 7.00 -11.70
N CYS B 257 36.96 6.08 -10.74
CA CYS B 257 35.80 5.33 -10.23
C CYS B 257 35.81 5.34 -8.71
N PRO B 258 35.35 6.43 -8.10
CA PRO B 258 35.09 6.40 -6.65
C PRO B 258 33.89 5.52 -6.35
N ILE B 259 33.77 5.14 -5.07
CA ILE B 259 32.59 4.34 -4.70
C ILE B 259 31.34 5.17 -4.93
N PRO B 260 30.34 4.69 -5.67
CA PRO B 260 29.13 5.49 -5.86
C PRO B 260 28.36 5.66 -4.56
N GLN B 261 27.71 6.81 -4.44
CA GLN B 261 26.87 7.12 -3.30
C GLN B 261 25.42 7.16 -3.76
N PHE B 262 24.55 6.49 -3.01
CA PHE B 262 23.13 6.41 -3.34
C PHE B 262 22.32 7.10 -2.26
N ALA B 263 21.45 8.01 -2.69
CA ALA B 263 20.49 8.67 -1.82
C ALA B 263 19.09 8.32 -2.31
N GLY B 264 18.09 8.59 -1.47
CA GLY B 264 16.71 8.27 -1.77
C GLY B 264 15.89 9.53 -1.97
N ASN B 265 14.89 9.42 -2.82
CA ASN B 265 14.06 10.58 -3.17
C ASN B 265 13.20 10.97 -1.99
N PRO B 266 13.11 12.26 -1.64
CA PRO B 266 12.32 12.64 -0.47
C PRO B 266 10.87 12.27 -0.66
N PRO B 267 10.14 12.02 0.44
CA PRO B 267 8.73 11.63 0.29
C PRO B 267 7.95 12.69 -0.44
N MET B 268 7.08 12.24 -1.32
CA MET B 268 6.31 13.13 -2.17
C MET B 268 4.81 13.03 -1.93
N THR B 269 4.32 11.91 -1.40
CA THR B 269 2.89 11.67 -1.30
C THR B 269 2.19 12.71 -0.44
N TRP B 270 2.80 13.10 0.68
CA TRP B 270 2.18 14.09 1.55
C TRP B 270 1.88 15.38 0.79
N LYS B 271 2.81 15.83 -0.06
CA LYS B 271 2.57 17.01 -0.88
C LYS B 271 1.32 16.86 -1.74
N TRP B 272 1.00 15.64 -2.16
CA TRP B 272 -0.20 15.43 -2.96
C TRP B 272 -1.45 15.39 -2.08
N ILE B 273 -1.37 14.76 -0.90
CA ILE B 273 -2.58 14.41 -0.15
C ILE B 273 -2.98 15.41 0.93
N VAL B 274 -2.09 16.32 1.33
CA VAL B 274 -2.45 17.24 2.41
C VAL B 274 -3.63 18.12 2.02
N GLY B 275 -3.71 18.50 0.75
CA GLY B 275 -4.81 19.33 0.29
C GLY B 275 -6.15 18.65 0.48
N PRO B 276 -6.29 17.43 -0.05
CA PRO B 276 -7.54 16.68 0.18
C PRO B 276 -7.79 16.34 1.64
N MET B 277 -6.77 15.99 2.41
CA MET B 277 -6.99 15.73 3.83
C MET B 277 -7.43 16.99 4.56
N PHE B 278 -6.79 18.12 4.27
CA PHE B 278 -7.23 19.39 4.84
C PHE B 278 -8.67 19.69 4.45
N LEU B 279 -9.02 19.45 3.17
CA LEU B 279 -10.37 19.72 2.70
C LEU B 279 -11.38 18.80 3.37
N TYR B 280 -11.03 17.54 3.60
CA TYR B 280 -11.97 16.61 4.23
C TYR B 280 -12.13 16.91 5.71
N LEU B 281 -11.05 17.32 6.39
CA LEU B 281 -11.19 17.74 7.78
C LEU B 281 -12.01 19.02 7.88
N CYS B 282 -11.84 19.93 6.93
CA CYS B 282 -12.73 21.08 6.86
C CYS B 282 -14.17 20.63 6.68
N GLU B 283 -14.39 19.67 5.78
CA GLU B 283 -15.71 19.10 5.55
C GLU B 283 -16.33 18.59 6.84
N ARG B 284 -15.54 17.82 7.60
CA ARG B 284 -16.05 17.23 8.82
C ARG B 284 -16.27 18.30 9.90
N LEU B 285 -15.51 19.39 9.85
CA LEU B 285 -15.78 20.50 10.77
C LEU B 285 -17.06 21.23 10.38
N VAL B 286 -17.33 21.36 9.08
CA VAL B 286 -18.62 21.92 8.68
C VAL B 286 -19.74 21.01 9.16
N ARG B 287 -19.52 19.70 9.09
CA ARG B 287 -20.53 18.76 9.57
C ARG B 287 -20.73 18.89 11.07
N PHE B 288 -19.64 19.05 11.82
CA PHE B 288 -19.74 19.31 13.26
C PHE B 288 -20.51 20.60 13.52
N TRP B 289 -20.26 21.63 12.73
CA TRP B 289 -20.97 22.90 12.91
C TRP B 289 -22.46 22.76 12.59
N ARG B 290 -22.79 22.08 11.49
CA ARG B 290 -24.18 21.77 11.20
C ARG B 290 -24.80 20.97 12.34
N SER B 291 -24.00 20.12 12.99
CA SER B 291 -24.51 19.37 14.14
C SER B 291 -24.86 20.32 15.28
N GLN B 292 -23.97 21.26 15.57
CA GLN B 292 -24.20 22.17 16.69
C GLN B 292 -25.37 23.12 16.40
N GLN B 293 -25.53 23.51 15.14
CA GLN B 293 -26.65 24.38 14.75
C GLN B 293 -27.97 23.80 15.24
N LYS B 294 -28.71 24.63 15.98
CA LYS B 294 -29.88 24.16 16.70
C LYS B 294 -31.03 23.84 15.74
N VAL B 295 -31.71 22.73 16.00
CA VAL B 295 -32.89 22.31 15.25
C VAL B 295 -33.96 22.00 16.27
N VAL B 296 -35.01 22.82 16.33
CA VAL B 296 -36.11 22.63 17.26
C VAL B 296 -37.14 21.70 16.62
N ILE B 297 -37.57 20.69 17.36
CA ILE B 297 -38.56 19.73 16.89
C ILE B 297 -39.92 20.27 17.32
N THR B 298 -40.65 20.85 16.36
CA THR B 298 -41.91 21.52 16.70
C THR B 298 -43.00 20.49 17.02
N LYS B 299 -43.11 19.44 16.20
CA LYS B 299 -44.22 18.51 16.30
C LYS B 299 -43.76 17.11 15.90
N VAL B 300 -44.32 16.11 16.55
CA VAL B 300 -43.97 14.70 16.32
C VAL B 300 -45.28 13.93 16.25
N VAL B 301 -45.74 13.64 15.03
CA VAL B 301 -46.85 12.72 14.82
C VAL B 301 -46.27 11.34 14.59
N THR B 302 -46.96 10.32 15.11
CA THR B 302 -46.53 8.93 15.02
C THR B 302 -47.57 8.17 14.19
N HIS B 303 -47.32 8.06 12.89
CA HIS B 303 -48.23 7.34 12.03
C HIS B 303 -48.11 5.84 12.29
N PRO B 304 -49.13 5.05 11.94
CA PRO B 304 -49.17 3.65 12.38
C PRO B 304 -48.05 2.80 11.80
N PHE B 305 -47.85 1.64 12.45
CA PHE B 305 -46.86 0.65 12.05
C PHE B 305 -45.45 1.23 12.12
N LYS B 306 -45.16 1.89 13.24
CA LYS B 306 -43.81 2.27 13.62
C LYS B 306 -43.16 3.14 12.54
N THR B 307 -43.82 4.24 12.22
CA THR B 307 -43.20 5.32 11.49
C THR B 307 -43.60 6.63 12.13
N ILE B 308 -42.62 7.45 12.49
CA ILE B 308 -42.83 8.73 13.14
C ILE B 308 -42.30 9.81 12.23
N GLU B 309 -43.06 10.90 12.12
CA GLU B 309 -42.66 12.04 11.31
C GLU B 309 -42.22 13.18 12.23
N LEU B 310 -41.09 13.79 11.91
CA LEU B 310 -40.49 14.85 12.74
C LEU B 310 -40.63 16.18 12.00
N GLN B 311 -41.70 16.91 12.29
CA GLN B 311 -41.78 18.31 11.89
C GLN B 311 -40.81 19.11 12.74
N MET B 312 -39.86 19.77 12.09
CA MET B 312 -38.76 20.41 12.79
C MET B 312 -38.43 21.72 12.08
N LYS B 313 -37.78 22.61 12.82
CA LYS B 313 -37.40 23.91 12.31
C LYS B 313 -35.94 24.18 12.66
N LYS B 314 -35.14 24.48 11.65
CA LYS B 314 -33.73 24.83 11.82
C LYS B 314 -33.52 26.20 11.21
N LYS B 315 -32.60 26.96 11.82
CA LYS B 315 -32.27 28.31 11.36
C LYS B 315 -31.91 28.31 9.89
N GLY B 316 -32.71 29.03 9.10
CA GLY B 316 -32.44 29.23 7.68
C GLY B 316 -32.13 27.98 6.91
N PHE B 317 -33.07 27.04 6.88
CA PHE B 317 -32.94 25.78 6.15
C PHE B 317 -33.74 25.91 4.86
N LYS B 318 -33.06 25.83 3.72
CA LYS B 318 -33.68 25.86 2.41
C LYS B 318 -33.53 24.50 1.76
N MET B 319 -34.57 24.06 1.03
CA MET B 319 -34.53 22.73 0.41
C MET B 319 -35.29 22.76 -0.90
N GLU B 320 -35.03 21.74 -1.71
CA GLU B 320 -35.73 21.49 -2.96
C GLU B 320 -36.35 20.10 -2.92
N VAL B 321 -37.35 19.90 -3.78
CA VAL B 321 -38.10 18.65 -3.77
C VAL B 321 -37.19 17.48 -4.12
N GLY B 322 -37.39 16.37 -3.40
CA GLY B 322 -36.63 15.15 -3.63
C GLY B 322 -35.32 15.05 -2.87
N GLN B 323 -34.94 16.08 -2.12
CA GLN B 323 -33.69 16.08 -1.38
C GLN B 323 -33.87 15.42 -0.02
N TYR B 324 -32.75 15.01 0.57
CA TYR B 324 -32.74 14.31 1.84
C TYR B 324 -31.73 14.95 2.77
N ILE B 325 -31.93 14.72 4.07
CA ILE B 325 -31.11 15.32 5.12
C ILE B 325 -30.59 14.21 6.02
N PHE B 326 -29.36 14.39 6.51
CA PHE B 326 -28.83 13.54 7.56
C PHE B 326 -29.23 14.10 8.93
N VAL B 327 -29.67 13.20 9.81
CA VAL B 327 -30.20 13.57 11.12
C VAL B 327 -29.32 12.89 12.17
N LYS B 328 -28.54 13.69 12.89
CA LYS B 328 -27.73 13.22 14.00
C LYS B 328 -28.47 13.47 15.30
N CYS B 329 -28.62 12.42 16.09
CA CYS B 329 -29.16 12.54 17.44
C CYS B 329 -28.06 12.19 18.43
N PRO B 330 -27.38 13.17 19.05
CA PRO B 330 -26.31 12.82 20.00
C PRO B 330 -26.72 11.87 21.10
N LYS B 331 -27.95 11.96 21.61
CA LYS B 331 -28.36 11.07 22.69
C LYS B 331 -28.38 9.61 22.23
N VAL B 332 -28.93 9.35 21.03
CA VAL B 332 -28.96 7.97 20.52
C VAL B 332 -27.56 7.53 20.11
N SER B 333 -26.85 8.39 19.37
CA SER B 333 -25.54 8.01 18.82
C SER B 333 -24.73 9.26 18.54
N LYS B 334 -23.56 9.39 19.17
CA LYS B 334 -22.77 10.60 19.04
C LYS B 334 -22.04 10.69 17.71
N LEU B 335 -21.68 9.55 17.11
CA LEU B 335 -20.82 9.56 15.93
C LEU B 335 -21.58 9.64 14.61
N GLU B 336 -22.79 9.08 14.55
CA GLU B 336 -23.38 8.68 13.28
C GLU B 336 -24.39 9.70 12.77
N TRP B 337 -24.57 9.67 11.45
CA TRP B 337 -25.53 10.50 10.73
C TRP B 337 -26.43 9.57 9.90
N HIS B 338 -27.75 9.73 10.03
CA HIS B 338 -28.71 8.86 9.36
C HIS B 338 -29.55 9.68 8.37
N PRO B 339 -29.53 9.37 7.07
CA PRO B 339 -30.28 10.20 6.11
C PRO B 339 -31.75 9.84 6.05
N PHE B 340 -32.58 10.87 5.93
CA PHE B 340 -34.02 10.69 5.75
C PHE B 340 -34.53 11.68 4.72
N THR B 341 -35.34 11.18 3.78
CA THR B 341 -35.83 12.01 2.69
C THR B 341 -36.76 13.09 3.23
N LEU B 342 -36.56 14.32 2.75
CA LEU B 342 -37.47 15.39 3.10
C LEU B 342 -38.82 15.16 2.44
N THR B 343 -39.87 15.16 3.26
CA THR B 343 -41.21 14.82 2.82
C THR B 343 -42.16 16.02 2.84
N SER B 344 -41.61 17.23 2.92
CA SER B 344 -42.41 18.44 3.06
C SER B 344 -42.07 19.42 1.95
N ALA B 345 -43.02 20.31 1.66
CA ALA B 345 -42.82 21.24 0.56
C ALA B 345 -41.82 22.31 0.96
N PRO B 346 -41.08 22.88 0.00
CA PRO B 346 -40.17 24.00 0.33
C PRO B 346 -40.89 25.19 0.94
N GLU B 347 -42.15 25.42 0.57
CA GLU B 347 -42.86 26.61 1.04
C GLU B 347 -43.14 26.55 2.53
N GLU B 348 -43.35 25.35 3.08
CA GLU B 348 -43.71 25.23 4.48
C GLU B 348 -42.59 25.71 5.38
N ASP B 349 -42.97 26.37 6.48
CA ASP B 349 -41.98 26.90 7.41
C ASP B 349 -41.15 25.78 8.03
N PHE B 350 -41.80 24.65 8.30
CA PHE B 350 -41.14 23.48 8.88
C PHE B 350 -40.82 22.50 7.78
N PHE B 351 -39.66 21.87 7.87
CA PHE B 351 -39.29 20.75 7.01
C PHE B 351 -39.39 19.47 7.82
N SER B 352 -40.03 18.46 7.24
CA SER B 352 -40.34 17.23 7.95
C SER B 352 -39.75 16.03 7.24
N ILE B 353 -39.60 14.94 7.99
CA ILE B 353 -39.17 13.65 7.48
C ILE B 353 -40.02 12.59 8.17
N HIS B 354 -40.30 11.48 7.48
CA HIS B 354 -40.89 10.30 8.09
C HIS B 354 -39.81 9.27 8.29
N ILE B 355 -39.71 8.72 9.50
CA ILE B 355 -38.70 7.72 9.86
C ILE B 355 -39.42 6.43 10.20
N ARG B 356 -39.05 5.34 9.53
CA ARG B 356 -39.55 4.01 9.86
C ARG B 356 -38.68 3.42 10.96
N ILE B 357 -39.31 2.85 11.97
CA ILE B 357 -38.59 2.30 13.13
C ILE B 357 -38.26 0.85 12.77
N VAL B 358 -37.14 0.67 12.09
CA VAL B 358 -36.70 -0.64 11.62
C VAL B 358 -35.37 -1.06 12.23
N GLY B 359 -34.70 -0.20 12.99
CA GLY B 359 -33.39 -0.50 13.51
C GLY B 359 -33.09 0.15 14.84
N ASP B 360 -31.85 -0.05 15.29
CA ASP B 360 -31.45 0.36 16.64
C ASP B 360 -31.46 1.88 16.79
N TRP B 361 -30.99 2.61 15.78
CA TRP B 361 -30.93 4.07 15.90
C TRP B 361 -32.31 4.69 15.79
N THR B 362 -33.12 4.22 14.84
CA THR B 362 -34.49 4.72 14.74
C THR B 362 -35.30 4.33 15.97
N GLU B 363 -35.07 3.13 16.49
CA GLU B 363 -35.72 2.73 17.74
C GLU B 363 -35.29 3.63 18.90
N GLY B 364 -34.00 3.99 18.95
CA GLY B 364 -33.55 4.90 19.97
C GLY B 364 -34.20 6.26 19.85
N LEU B 365 -34.36 6.75 18.62
CA LEU B 365 -35.07 7.99 18.40
C LEU B 365 -36.53 7.88 18.81
N PHE B 366 -37.14 6.72 18.54
CA PHE B 366 -38.52 6.47 18.95
C PHE B 366 -38.67 6.56 20.46
N ASN B 367 -37.75 5.90 21.18
CA ASN B 367 -37.82 5.91 22.64
C ASN B 367 -37.52 7.30 23.20
N ALA B 368 -36.60 8.03 22.57
CA ALA B 368 -36.26 9.37 23.05
C ALA B 368 -37.41 10.34 22.81
N CYS B 369 -38.10 10.22 21.68
CA CYS B 369 -39.24 11.10 21.39
C CYS B 369 -40.41 10.86 22.33
N GLY B 370 -40.46 9.69 22.99
CA GLY B 370 -41.54 9.41 23.92
C GLY B 370 -42.83 8.95 23.27
N CYS B 371 -42.78 8.48 22.03
CA CYS B 371 -44.00 8.04 21.36
C CYS B 371 -44.58 6.80 22.05
N ASP B 372 -43.72 5.89 22.48
CA ASP B 372 -44.18 4.67 23.14
C ASP B 372 -44.79 4.98 24.50
N LYS B 381 -37.59 17.00 26.94
CA LYS B 381 -38.02 15.61 26.75
C LYS B 381 -37.64 15.10 25.36
N LEU B 382 -37.96 15.89 24.34
CA LEU B 382 -37.67 15.47 22.98
C LEU B 382 -36.17 15.38 22.76
N PRO B 383 -35.70 14.46 21.92
CA PRO B 383 -34.26 14.30 21.74
C PRO B 383 -33.65 15.49 21.02
N LYS B 384 -32.36 15.70 21.26
CA LYS B 384 -31.59 16.67 20.50
C LYS B 384 -31.23 16.05 19.17
N ILE B 385 -31.73 16.62 18.08
CA ILE B 385 -31.41 16.14 16.75
C ILE B 385 -30.66 17.25 16.03
N ALA B 386 -29.88 16.86 15.04
CA ALA B 386 -29.12 17.80 14.24
C ALA B 386 -29.28 17.48 12.77
N VAL B 387 -29.47 18.52 11.95
CA VAL B 387 -29.77 18.38 10.54
C VAL B 387 -28.56 18.86 9.75
N ASP B 388 -28.10 18.03 8.81
CA ASP B 388 -26.92 18.33 7.99
C ASP B 388 -27.32 18.27 6.53
N GLY B 389 -27.56 19.42 5.94
CA GLY B 389 -27.51 19.56 4.51
C GLY B 389 -28.76 19.08 3.81
N PRO B 390 -29.34 19.92 2.95
CA PRO B 390 -30.32 19.42 1.97
C PRO B 390 -29.67 18.73 0.78
N PHE B 391 -29.00 17.61 1.05
CA PHE B 391 -28.31 16.90 -0.02
C PHE B 391 -29.31 16.11 -0.87
N GLY B 392 -28.81 15.56 -1.96
CA GLY B 392 -29.60 14.85 -2.93
C GLY B 392 -29.72 15.62 -4.24
N THR B 393 -30.21 14.91 -5.25
CA THR B 393 -30.42 15.51 -6.57
C THR B 393 -31.79 16.18 -6.60
N ALA B 394 -31.81 17.48 -6.83
CA ALA B 394 -33.07 18.21 -6.86
C ALA B 394 -33.93 17.74 -8.02
N SER B 395 -35.20 17.50 -7.73
CA SER B 395 -36.20 17.11 -8.74
C SER B 395 -37.11 18.28 -9.10
N GLU B 396 -36.55 19.48 -9.16
CA GLU B 396 -37.33 20.68 -9.49
C GLU B 396 -37.75 20.73 -10.96
N ASP B 397 -37.31 19.79 -11.79
CA ASP B 397 -37.73 19.74 -13.18
C ASP B 397 -39.03 18.97 -13.38
N VAL B 398 -39.60 18.40 -12.32
CA VAL B 398 -40.91 17.75 -12.43
C VAL B 398 -41.96 18.76 -12.88
N PHE B 399 -41.90 19.97 -12.32
CA PHE B 399 -42.89 21.00 -12.63
C PHE B 399 -42.76 21.53 -14.05
N SER B 400 -41.64 21.25 -14.74
CA SER B 400 -41.41 21.84 -16.05
C SER B 400 -42.42 21.34 -17.08
N TYR B 401 -42.72 20.05 -17.06
CA TYR B 401 -43.55 19.46 -18.11
C TYR B 401 -45.02 19.74 -17.86
N GLU B 402 -45.81 19.56 -18.92
CA GLU B 402 -47.26 19.75 -18.85
C GLU B 402 -48.00 18.51 -18.38
N VAL B 403 -47.42 17.33 -18.57
CA VAL B 403 -47.97 16.07 -18.08
C VAL B 403 -46.81 15.25 -17.55
N VAL B 404 -47.05 14.50 -16.47
CA VAL B 404 -46.00 13.72 -15.82
C VAL B 404 -46.56 12.37 -15.37
N MET B 405 -45.65 11.42 -15.16
CA MET B 405 -45.96 10.07 -14.71
C MET B 405 -45.10 9.78 -13.48
N LEU B 406 -45.62 10.09 -12.31
CA LEU B 406 -44.90 9.84 -11.06
C LEU B 406 -45.12 8.39 -10.67
N VAL B 407 -44.05 7.61 -10.52
CA VAL B 407 -44.14 6.19 -10.19
C VAL B 407 -43.23 5.94 -9.00
N GLY B 408 -43.77 5.29 -7.97
CA GLY B 408 -43.00 4.94 -6.79
C GLY B 408 -43.31 3.54 -6.31
N ALA B 409 -42.27 2.75 -6.03
CA ALA B 409 -42.43 1.36 -5.63
C ALA B 409 -41.84 1.16 -4.25
N GLY B 410 -42.64 0.61 -3.34
CA GLY B 410 -42.15 0.28 -2.01
C GLY B 410 -41.69 1.53 -1.26
N ILE B 411 -40.43 1.50 -0.81
CA ILE B 411 -39.88 2.62 -0.06
C ILE B 411 -39.52 3.81 -0.95
N GLY B 412 -39.43 3.61 -2.27
CA GLY B 412 -39.02 4.67 -3.17
C GLY B 412 -40.05 5.77 -3.37
N VAL B 413 -41.24 5.61 -2.80
CA VAL B 413 -42.31 6.59 -2.99
C VAL B 413 -42.11 7.84 -2.13
N THR B 414 -41.23 7.81 -1.14
CA THR B 414 -41.15 8.91 -0.17
C THR B 414 -40.89 10.27 -0.80
N PRO B 415 -39.90 10.48 -1.66
CA PRO B 415 -39.70 11.84 -2.22
C PRO B 415 -40.89 12.32 -3.05
N PHE B 416 -41.63 11.39 -3.65
CA PHE B 416 -42.81 11.78 -4.41
C PHE B 416 -43.86 12.43 -3.52
N ALA B 417 -43.89 12.07 -2.23
CA ALA B 417 -44.76 12.75 -1.28
C ALA B 417 -44.47 14.24 -1.23
N SER B 418 -43.19 14.59 -1.04
CA SER B 418 -42.81 16.00 -1.01
C SER B 418 -43.13 16.68 -2.34
N ILE B 419 -42.90 15.97 -3.44
CA ILE B 419 -43.23 16.52 -4.76
C ILE B 419 -44.70 16.92 -4.81
N LEU B 420 -45.59 16.01 -4.42
CA LEU B 420 -47.02 16.30 -4.47
C LEU B 420 -47.42 17.46 -3.55
N LYS B 421 -46.85 17.49 -2.35
CA LYS B 421 -47.14 18.60 -1.44
C LYS B 421 -46.76 19.94 -2.07
N SER B 422 -45.55 20.01 -2.64
CA SER B 422 -45.14 21.23 -3.30
C SER B 422 -46.02 21.56 -4.50
N VAL B 423 -46.56 20.53 -5.17
CA VAL B 423 -47.47 20.78 -6.28
C VAL B 423 -48.71 21.54 -5.79
N TRP B 424 -49.27 21.11 -4.66
CA TRP B 424 -50.45 21.82 -4.15
C TRP B 424 -50.10 23.26 -3.78
N TYR B 425 -48.92 23.48 -3.20
CA TYR B 425 -48.54 24.86 -2.87
C TYR B 425 -48.38 25.71 -4.13
N LYS B 426 -47.80 25.13 -5.19
CA LYS B 426 -47.66 25.91 -6.41
C LYS B 426 -49.01 26.15 -7.09
N TYR B 427 -49.98 25.26 -6.86
CA TYR B 427 -51.30 25.49 -7.42
C TYR B 427 -52.08 26.55 -6.65
N CYS B 428 -51.91 26.63 -5.34
CA CYS B 428 -52.69 27.62 -4.59
C CYS B 428 -52.04 29.00 -4.62
N ASN B 429 -50.70 29.07 -4.59
CA ASN B 429 -50.05 30.38 -4.54
C ASN B 429 -50.17 31.13 -5.86
N ASN B 430 -49.96 30.44 -6.98
CA ASN B 430 -49.93 31.08 -8.29
C ASN B 430 -51.11 30.67 -9.16
N ALA B 431 -51.30 29.37 -9.40
CA ALA B 431 -52.35 28.80 -10.24
C ALA B 431 -52.21 29.19 -11.71
N THR B 432 -51.20 29.96 -12.09
CA THR B 432 -51.01 30.42 -13.46
C THR B 432 -49.57 30.20 -13.93
N ASN B 433 -48.62 30.28 -13.01
CA ASN B 433 -47.21 30.01 -13.29
C ASN B 433 -46.85 28.55 -13.13
N LEU B 434 -47.82 27.69 -12.80
CA LEU B 434 -47.58 26.26 -12.65
C LEU B 434 -47.67 25.62 -14.03
N LYS B 435 -46.51 25.32 -14.62
CA LYS B 435 -46.51 24.64 -15.92
C LYS B 435 -47.15 23.27 -15.83
N LEU B 436 -47.16 22.66 -14.65
CA LEU B 436 -47.77 21.36 -14.46
C LEU B 436 -49.29 21.45 -14.57
N LYS B 437 -49.88 20.44 -15.23
CA LYS B 437 -51.32 20.40 -15.42
C LYS B 437 -51.97 19.10 -14.96
N LYS B 438 -51.29 17.97 -15.12
CA LYS B 438 -51.89 16.67 -14.90
C LYS B 438 -50.94 15.76 -14.12
N ILE B 439 -51.50 14.94 -13.23
CA ILE B 439 -50.74 13.99 -12.43
C ILE B 439 -51.34 12.61 -12.65
N TYR B 440 -50.51 11.68 -13.12
CA TYR B 440 -50.79 10.26 -13.03
C TYR B 440 -49.76 9.66 -12.08
N PHE B 441 -50.24 9.05 -11.00
CA PHE B 441 -49.37 8.50 -9.98
C PHE B 441 -49.61 7.01 -9.85
N TYR B 442 -48.53 6.25 -9.71
CA TYR B 442 -48.59 4.79 -9.60
C TYR B 442 -47.75 4.35 -8.42
N TRP B 443 -48.36 3.62 -7.49
CA TRP B 443 -47.71 3.19 -6.25
C TRP B 443 -47.67 1.67 -6.22
N LEU B 444 -46.46 1.11 -6.19
CA LEU B 444 -46.24 -0.32 -6.31
C LEU B 444 -45.69 -0.85 -4.98
N CYS B 445 -46.59 -1.30 -4.13
CA CYS B 445 -46.24 -1.86 -2.83
C CYS B 445 -46.89 -3.23 -2.68
N ARG B 446 -46.23 -4.13 -1.97
CA ARG B 446 -46.85 -5.41 -1.64
C ARG B 446 -48.11 -5.19 -0.80
N ASP B 447 -48.02 -4.31 0.18
CA ASP B 447 -49.17 -3.87 0.95
C ASP B 447 -48.87 -2.49 1.50
N THR B 448 -49.93 -1.71 1.75
CA THR B 448 -49.78 -0.37 2.32
C THR B 448 -49.64 -0.47 3.83
N HIS B 449 -48.61 -1.20 4.26
CA HIS B 449 -48.45 -1.59 5.65
C HIS B 449 -47.51 -0.68 6.44
N ALA B 450 -46.62 0.05 5.77
CA ALA B 450 -45.70 0.98 6.44
C ALA B 450 -45.85 2.42 5.97
N PHE B 451 -46.57 2.66 4.88
CA PHE B 451 -46.71 3.99 4.27
C PHE B 451 -48.17 4.45 4.26
N GLU B 452 -48.91 4.13 5.31
CA GLU B 452 -50.31 4.56 5.37
C GLU B 452 -50.44 6.07 5.37
N TRP B 453 -49.42 6.77 5.90
CA TRP B 453 -49.43 8.22 5.84
C TRP B 453 -49.41 8.72 4.40
N PHE B 454 -48.72 8.00 3.50
CA PHE B 454 -48.74 8.39 2.10
C PHE B 454 -50.11 8.16 1.48
N ALA B 455 -50.78 7.07 1.88
CA ALA B 455 -52.15 6.87 1.42
C ALA B 455 -53.04 8.04 1.86
N ASP B 456 -52.93 8.43 3.13
CA ASP B 456 -53.69 9.59 3.61
C ASP B 456 -53.31 10.85 2.85
N LEU B 457 -52.03 11.00 2.50
CA LEU B 457 -51.58 12.14 1.72
C LEU B 457 -52.29 12.18 0.37
N LEU B 458 -52.36 11.03 -0.31
CA LEU B 458 -53.01 11.00 -1.61
C LEU B 458 -54.51 11.28 -1.50
N GLN B 459 -55.15 10.71 -0.47
CA GLN B 459 -56.57 11.05 -0.25
C GLN B 459 -56.73 12.55 -0.02
N LEU B 460 -55.84 13.15 0.77
CA LEU B 460 -55.94 14.57 1.04
C LEU B 460 -55.80 15.39 -0.23
N LEU B 461 -54.78 15.10 -1.03
CA LEU B 461 -54.55 15.88 -2.25
C LEU B 461 -55.71 15.73 -3.22
N GLU B 462 -56.25 14.51 -3.35
CA GLU B 462 -57.46 14.33 -4.16
C GLU B 462 -58.61 15.17 -3.61
N SER B 463 -58.73 15.24 -2.29
CA SER B 463 -59.79 16.03 -1.68
C SER B 463 -59.62 17.52 -1.97
N GLN B 464 -58.38 18.01 -1.91
CA GLN B 464 -58.15 19.43 -2.20
C GLN B 464 -58.44 19.74 -3.66
N MET B 465 -58.10 18.81 -4.55
CA MET B 465 -58.41 19.03 -5.97
C MET B 465 -59.92 19.00 -6.20
N GLN B 466 -60.64 18.13 -5.49
CA GLN B 466 -62.09 18.07 -5.66
C GLN B 466 -62.78 19.29 -5.08
N GLU B 467 -62.28 19.79 -3.94
CA GLU B 467 -62.90 20.93 -3.29
C GLU B 467 -62.70 22.22 -4.08
N ARG B 468 -61.57 22.33 -4.78
CA ARG B 468 -61.29 23.49 -5.62
C ARG B 468 -61.88 23.34 -7.03
N ASN B 469 -62.78 22.39 -7.24
CA ASN B 469 -63.43 22.18 -8.53
C ASN B 469 -62.41 21.91 -9.63
N ASN B 470 -61.34 21.18 -9.28
CA ASN B 470 -60.29 20.79 -10.22
C ASN B 470 -59.95 19.31 -10.01
N ALA B 471 -60.99 18.47 -9.93
CA ALA B 471 -60.80 17.06 -9.58
C ALA B 471 -59.98 16.30 -10.62
N GLY B 472 -59.89 16.80 -11.85
CA GLY B 472 -59.15 16.11 -12.87
C GLY B 472 -57.64 16.22 -12.77
N PHE B 473 -57.13 16.99 -11.80
CA PHE B 473 -55.69 17.22 -11.72
C PHE B 473 -54.94 15.95 -11.36
N LEU B 474 -55.36 15.26 -10.31
CA LEU B 474 -54.60 14.16 -9.74
C LEU B 474 -55.37 12.85 -9.94
N SER B 475 -54.78 11.93 -10.68
CA SER B 475 -55.25 10.56 -10.81
C SER B 475 -54.15 9.64 -10.29
N TYR B 476 -54.51 8.77 -9.35
CA TYR B 476 -53.55 7.83 -8.80
C TYR B 476 -54.19 6.46 -8.67
N ASN B 477 -53.37 5.43 -8.85
CA ASN B 477 -53.77 4.05 -8.66
C ASN B 477 -52.71 3.33 -7.83
N ILE B 478 -53.15 2.56 -6.85
CA ILE B 478 -52.28 1.74 -6.02
C ILE B 478 -52.38 0.31 -6.53
N TYR B 479 -51.23 -0.35 -6.68
CA TYR B 479 -51.17 -1.73 -7.14
C TYR B 479 -50.49 -2.57 -6.09
N LEU B 480 -51.04 -3.75 -5.83
CA LEU B 480 -50.52 -4.67 -4.82
C LEU B 480 -49.78 -5.80 -5.51
N THR B 481 -48.47 -5.89 -5.27
CA THR B 481 -47.67 -6.93 -5.90
C THR B 481 -48.08 -8.31 -5.37
N GLY B 482 -48.43 -8.39 -4.10
CA GLY B 482 -48.90 -9.62 -3.49
C GLY B 482 -50.40 -9.81 -3.64
N GLN B 507 -57.54 6.93 -6.88
CA GLN B 507 -58.66 6.05 -7.20
C GLN B 507 -58.77 4.93 -6.15
N LYS B 508 -58.58 3.67 -6.55
CA LYS B 508 -58.72 2.52 -5.67
C LYS B 508 -57.56 1.57 -5.91
N THR B 509 -57.24 0.79 -4.88
CA THR B 509 -56.13 -0.16 -4.96
C THR B 509 -56.43 -1.26 -5.97
N LEU B 510 -55.37 -1.76 -6.61
CA LEU B 510 -55.46 -2.83 -7.59
C LEU B 510 -54.48 -3.93 -7.21
N TYR B 511 -54.64 -5.10 -7.82
CA TYR B 511 -53.84 -6.28 -7.55
C TYR B 511 -52.93 -6.57 -8.73
N GLY B 512 -51.66 -6.86 -8.45
CA GLY B 512 -50.69 -7.18 -9.47
C GLY B 512 -50.09 -5.92 -10.09
N ARG B 513 -49.01 -6.12 -10.83
CA ARG B 513 -48.29 -5.01 -11.41
C ARG B 513 -49.13 -4.34 -12.50
N PRO B 514 -48.92 -3.05 -12.76
CA PRO B 514 -49.68 -2.39 -13.82
C PRO B 514 -49.23 -2.84 -15.20
N ASN B 515 -50.16 -2.78 -16.15
CA ASN B 515 -49.86 -3.07 -17.55
C ASN B 515 -49.32 -1.80 -18.20
N TRP B 516 -47.99 -1.68 -18.22
CA TRP B 516 -47.36 -0.46 -18.71
C TRP B 516 -47.64 -0.23 -20.18
N ASP B 517 -47.67 -1.31 -20.96
CA ASP B 517 -47.98 -1.21 -22.38
C ASP B 517 -49.30 -0.47 -22.59
N ASN B 518 -50.36 -0.96 -21.92
CA ASN B 518 -51.68 -0.36 -22.09
C ASN B 518 -51.77 1.01 -21.42
N GLU B 519 -51.10 1.19 -20.27
CA GLU B 519 -51.16 2.49 -19.59
C GLU B 519 -50.53 3.58 -20.45
N PHE B 520 -49.35 3.31 -21.00
CA PHE B 520 -48.69 4.29 -21.86
C PHE B 520 -49.55 4.60 -23.08
N LYS B 521 -50.11 3.57 -23.71
CA LYS B 521 -50.98 3.83 -24.87
C LYS B 521 -52.19 4.66 -24.48
N THR B 522 -52.78 4.37 -23.32
CA THR B 522 -53.99 5.08 -22.89
C THR B 522 -53.69 6.55 -22.65
N ILE B 523 -52.61 6.86 -21.93
CA ILE B 523 -52.34 8.26 -21.66
C ILE B 523 -51.77 8.99 -22.88
N ALA B 524 -51.16 8.26 -23.83
CA ALA B 524 -50.77 8.90 -25.07
C ALA B 524 -52.00 9.27 -25.89
N SER B 525 -53.03 8.42 -25.87
CA SER B 525 -54.29 8.79 -26.49
C SER B 525 -54.94 9.95 -25.75
N GLN B 526 -54.79 10.02 -24.43
CA GLN B 526 -55.38 11.10 -23.65
C GLN B 526 -54.74 12.45 -23.99
N HIS B 527 -53.41 12.48 -24.05
CA HIS B 527 -52.65 13.72 -24.29
C HIS B 527 -51.85 13.60 -25.58
N PRO B 528 -52.29 14.21 -26.69
CA PRO B 528 -51.50 14.15 -27.92
C PRO B 528 -50.56 15.33 -28.09
N ASN B 529 -49.38 15.04 -28.65
CA ASN B 529 -48.42 16.08 -29.05
C ASN B 529 -47.91 16.89 -27.86
N THR B 530 -47.86 16.28 -26.68
CA THR B 530 -47.34 16.92 -25.48
C THR B 530 -46.25 16.04 -24.88
N ARG B 531 -45.30 16.67 -24.20
CA ARG B 531 -44.25 15.94 -23.49
C ARG B 531 -44.80 15.36 -22.19
N ILE B 532 -44.40 14.13 -21.88
CA ILE B 532 -44.76 13.45 -20.64
C ILE B 532 -43.46 13.08 -19.95
N GLY B 533 -43.20 13.67 -18.79
CA GLY B 533 -42.05 13.30 -18.00
C GLY B 533 -42.35 12.15 -17.05
N VAL B 534 -41.62 11.05 -17.21
CA VAL B 534 -41.81 9.85 -16.42
C VAL B 534 -40.76 9.85 -15.32
N PHE B 535 -41.20 9.88 -14.06
CA PHE B 535 -40.32 9.89 -12.91
C PHE B 535 -40.54 8.62 -12.11
N LEU B 536 -39.46 7.92 -11.79
CA LEU B 536 -39.51 6.67 -11.06
C LEU B 536 -38.40 6.65 -10.01
N CYS B 537 -38.73 6.07 -8.85
CA CYS B 537 -37.76 5.78 -7.80
C CYS B 537 -38.02 4.34 -7.35
N GLY B 538 -37.18 3.40 -7.79
CA GLY B 538 -37.39 2.01 -7.46
C GLY B 538 -36.41 1.05 -8.09
N PRO B 539 -36.83 -0.21 -8.27
CA PRO B 539 -35.90 -1.24 -8.78
C PRO B 539 -35.34 -0.93 -10.15
N GLU B 540 -34.13 -1.44 -10.40
CA GLU B 540 -33.45 -1.20 -11.67
C GLU B 540 -34.16 -1.89 -12.83
N ALA B 541 -34.66 -3.10 -12.63
CA ALA B 541 -35.43 -3.76 -13.67
C ALA B 541 -36.67 -2.94 -14.02
N LEU B 542 -37.31 -2.37 -13.00
CA LEU B 542 -38.43 -1.48 -13.26
C LEU B 542 -37.99 -0.26 -14.05
N ALA B 543 -36.81 0.28 -13.76
CA ALA B 543 -36.30 1.42 -14.52
C ALA B 543 -36.09 1.06 -15.99
N GLU B 544 -35.50 -0.11 -16.26
CA GLU B 544 -35.31 -0.54 -17.64
C GLU B 544 -36.65 -0.75 -18.33
N THR B 545 -37.63 -1.32 -17.60
CA THR B 545 -38.97 -1.49 -18.16
C THR B 545 -39.56 -0.14 -18.58
N LEU B 546 -39.51 0.84 -17.69
CA LEU B 546 -40.09 2.14 -18.01
C LEU B 546 -39.33 2.81 -19.15
N SER B 547 -38.00 2.62 -19.22
CA SER B 547 -37.26 3.14 -20.36
C SER B 547 -37.75 2.54 -21.66
N LYS B 548 -37.93 1.21 -21.67
CA LYS B 548 -38.39 0.53 -22.88
C LYS B 548 -39.75 1.05 -23.32
N GLN B 549 -40.70 1.15 -22.38
CA GLN B 549 -42.04 1.61 -22.76
C GLN B 549 -42.03 3.08 -23.16
N SER B 550 -41.21 3.90 -22.49
CA SER B 550 -41.14 5.32 -22.83
C SER B 550 -40.63 5.51 -24.25
N ILE B 551 -39.59 4.78 -24.63
CA ILE B 551 -39.07 4.91 -25.99
C ILE B 551 -40.06 4.31 -26.99
N SER B 552 -40.67 3.17 -26.64
CA SER B 552 -41.54 2.49 -27.60
C SER B 552 -42.79 3.30 -27.90
N ASN B 553 -43.39 3.92 -26.87
CA ASN B 553 -44.63 4.66 -27.04
C ASN B 553 -44.42 6.11 -27.46
N SER B 554 -43.18 6.60 -27.49
CA SER B 554 -42.92 7.98 -27.89
C SER B 554 -42.90 8.09 -29.41
N GLU B 555 -43.41 9.21 -29.91
CA GLU B 555 -43.34 9.54 -31.33
C GLU B 555 -42.12 10.41 -31.59
N SER B 556 -41.37 10.08 -32.63
CA SER B 556 -40.13 10.79 -32.90
C SER B 556 -40.39 12.25 -33.27
N GLY B 557 -41.43 12.51 -34.06
CA GLY B 557 -41.70 13.84 -34.54
C GLY B 557 -42.14 14.78 -33.43
N PRO B 558 -41.85 16.08 -33.56
CA PRO B 558 -42.31 17.03 -32.53
C PRO B 558 -43.82 17.14 -32.45
N ARG B 559 -44.55 16.76 -33.49
CA ARG B 559 -46.01 16.76 -33.47
C ARG B 559 -46.58 15.48 -32.87
N GLY B 560 -45.78 14.73 -32.12
CA GLY B 560 -46.24 13.53 -31.46
C GLY B 560 -45.91 13.57 -29.97
N VAL B 561 -46.24 12.48 -29.30
CA VAL B 561 -46.05 12.37 -27.86
C VAL B 561 -44.64 11.91 -27.58
N HIS B 562 -43.95 12.61 -26.68
CA HIS B 562 -42.62 12.23 -26.21
C HIS B 562 -42.72 11.84 -24.74
N PHE B 563 -42.28 10.63 -24.42
CA PHE B 563 -42.23 10.14 -23.05
C PHE B 563 -40.80 10.22 -22.56
N ILE B 564 -40.55 11.11 -21.61
CA ILE B 564 -39.21 11.42 -21.14
C ILE B 564 -39.05 10.76 -19.77
N PHE B 565 -38.27 9.68 -19.73
CA PHE B 565 -38.04 8.98 -18.48
C PHE B 565 -36.95 9.65 -17.66
N ASN B 566 -37.20 9.75 -16.36
CA ASN B 566 -36.24 10.24 -15.38
C ASN B 566 -36.23 9.23 -14.24
N LYS B 567 -35.05 8.83 -13.82
CA LYS B 567 -34.88 7.80 -12.79
C LYS B 567 -34.11 8.40 -11.62
N GLU B 568 -34.57 8.09 -10.42
CA GLU B 568 -33.91 8.55 -9.20
C GLU B 568 -32.63 7.76 -8.98
N ASP C 24 55.89 -8.16 -12.11
CA ASP C 24 54.72 -7.26 -11.90
C ASP C 24 55.09 -6.11 -10.97
N VAL C 25 54.14 -5.67 -10.13
CA VAL C 25 54.40 -4.58 -9.19
C VAL C 25 55.06 -5.15 -7.95
N GLN C 26 56.18 -4.54 -7.54
CA GLN C 26 56.96 -4.97 -6.39
C GLN C 26 57.33 -3.76 -5.54
N LEU C 27 57.34 -3.96 -4.23
CA LEU C 27 57.55 -2.89 -3.25
C LEU C 27 58.79 -3.17 -2.43
N GLN C 28 59.74 -2.23 -2.44
CA GLN C 28 60.92 -2.26 -1.57
C GLN C 28 60.73 -1.26 -0.44
N GLU C 29 61.01 -1.68 0.79
CA GLU C 29 61.13 -0.76 1.92
C GLU C 29 62.60 -0.45 2.18
N SER C 30 62.91 0.83 2.30
CA SER C 30 64.28 1.27 2.56
C SER C 30 64.27 2.36 3.62
N GLY C 31 65.07 2.19 4.66
CA GLY C 31 65.17 3.16 5.72
C GLY C 31 66.18 2.77 6.77
N PRO C 32 66.37 3.62 7.78
CA PRO C 32 67.34 3.34 8.84
C PRO C 32 66.92 2.14 9.66
N GLY C 33 67.76 1.10 9.66
CA GLY C 33 67.48 -0.10 10.42
C GLY C 33 67.71 0.01 11.91
N LEU C 34 68.31 1.11 12.38
CA LEU C 34 68.54 1.31 13.81
C LEU C 34 68.43 2.81 14.08
N VAL C 35 67.25 3.23 14.54
CA VAL C 35 67.03 4.61 14.97
C VAL C 35 67.13 4.64 16.49
N LYS C 36 67.50 5.82 17.03
CA LYS C 36 67.61 5.94 18.47
C LYS C 36 66.25 6.26 19.09
N PRO C 37 66.02 5.92 20.36
CA PRO C 37 64.76 6.30 21.00
C PRO C 37 64.58 7.82 21.02
N SER C 38 63.33 8.25 20.87
CA SER C 38 62.92 9.65 20.83
C SER C 38 63.37 10.37 19.56
N GLN C 39 63.97 9.66 18.61
CA GLN C 39 64.31 10.22 17.31
C GLN C 39 63.06 10.12 16.43
N SER C 40 63.17 10.43 15.15
CA SER C 40 62.10 10.23 14.18
C SER C 40 62.51 9.21 13.13
N LEU C 41 61.66 8.21 12.89
CA LEU C 41 61.90 7.20 11.88
C LEU C 41 61.30 7.60 10.55
N SER C 42 62.06 7.39 9.48
CA SER C 42 61.66 7.76 8.12
C SER C 42 61.93 6.58 7.20
N LEU C 43 60.87 5.90 6.78
CA LEU C 43 60.97 4.74 5.90
C LEU C 43 60.38 5.05 4.54
N THR C 44 61.07 4.61 3.48
CA THR C 44 60.68 4.82 2.11
C THR C 44 60.19 3.50 1.52
N CYS C 45 59.07 3.54 0.79
CA CYS C 45 58.59 2.39 0.03
C CYS C 45 58.60 2.75 -1.45
N SER C 46 59.46 2.07 -2.22
CA SER C 46 59.58 2.30 -3.64
C SER C 46 58.72 1.31 -4.42
N VAL C 47 57.86 1.82 -5.29
CA VAL C 47 56.95 1.01 -6.09
C VAL C 47 57.38 1.13 -7.55
N THR C 48 57.39 -0.01 -8.25
CA THR C 48 57.90 -0.09 -9.62
C THR C 48 56.83 -0.37 -10.65
N GLY C 49 56.06 -1.45 -10.49
CA GLY C 49 55.10 -1.83 -11.50
C GLY C 49 53.77 -1.13 -11.44
N TYR C 50 53.62 -0.14 -10.55
CA TYR C 50 52.37 0.59 -10.43
C TYR C 50 52.69 1.98 -9.89
N SER C 51 51.86 2.95 -10.27
CA SER C 51 52.03 4.33 -9.85
C SER C 51 50.99 4.67 -8.77
N LEU C 52 51.44 5.35 -7.72
CA LEU C 52 50.56 5.66 -6.60
C LEU C 52 49.34 6.44 -7.04
N THR C 53 49.49 7.32 -8.03
CA THR C 53 48.39 8.14 -8.50
C THR C 53 47.41 7.36 -9.38
N SER C 54 47.84 6.24 -9.98
CA SER C 54 46.93 5.43 -10.78
C SER C 54 45.80 4.88 -9.92
N GLY C 55 46.12 4.38 -8.72
CA GLY C 55 45.11 4.06 -7.74
C GLY C 55 45.31 2.83 -6.89
N SER C 56 45.30 3.04 -5.56
CA SER C 56 45.27 1.99 -4.55
C SER C 56 45.31 2.65 -3.17
N PHE C 57 45.15 1.86 -2.11
CA PHE C 57 45.44 2.30 -0.75
C PHE C 57 46.77 1.68 -0.33
N TRP C 58 47.73 2.53 0.01
CA TRP C 58 49.12 2.13 0.21
C TRP C 58 49.41 2.16 1.71
N SER C 59 49.40 0.99 2.34
CA SER C 59 49.49 0.89 3.80
C SER C 59 50.93 0.64 4.23
N TRP C 60 51.12 0.64 5.55
CA TRP C 60 52.43 0.48 6.19
C TRP C 60 52.39 -0.53 7.32
N ILE C 61 51.68 -1.64 7.13
CA ILE C 61 51.52 -2.62 8.20
C ILE C 61 52.88 -3.04 8.72
N ARG C 62 52.99 -3.19 10.05
CA ARG C 62 54.22 -3.59 10.70
C ARG C 62 53.94 -4.77 11.61
N GLN C 63 54.93 -5.64 11.75
CA GLN C 63 54.86 -6.82 12.61
C GLN C 63 55.84 -6.65 13.76
N PHE C 64 55.33 -6.64 14.98
CA PHE C 64 56.18 -6.55 16.15
C PHE C 64 56.87 -7.90 16.38
N PRO C 65 57.93 -7.92 17.19
CA PRO C 65 58.48 -9.22 17.63
C PRO C 65 57.40 -10.05 18.33
N GLY C 66 57.40 -11.34 18.03
CA GLY C 66 56.33 -12.22 18.44
C GLY C 66 55.27 -12.45 17.38
N ASN C 67 55.47 -11.94 16.17
CA ASN C 67 54.54 -12.14 15.04
C ASN C 67 53.15 -11.63 15.38
N LYS C 68 53.07 -10.32 15.60
CA LYS C 68 51.80 -9.63 15.85
C LYS C 68 51.71 -8.47 14.88
N LEU C 69 50.95 -8.66 13.80
CA LEU C 69 50.75 -7.61 12.81
C LEU C 69 49.73 -6.59 13.29
N GLU C 70 49.91 -5.35 12.86
CA GLU C 70 48.90 -4.31 13.10
C GLU C 70 48.92 -3.32 11.95
N TRP C 71 47.74 -3.01 11.45
CA TRP C 71 47.62 -2.04 10.36
C TRP C 71 48.09 -0.67 10.85
N MET C 72 49.15 -0.17 10.23
CA MET C 72 49.81 1.05 10.67
C MET C 72 49.09 2.28 10.16
N GLY C 73 48.78 2.30 8.87
CA GLY C 73 48.11 3.42 8.25
C GLY C 73 48.35 3.42 6.75
N TYR C 74 47.41 3.97 5.98
CA TYR C 74 47.54 3.99 4.54
C TYR C 74 47.39 5.41 4.02
N ILE C 75 47.88 5.62 2.80
CA ILE C 75 47.61 6.83 2.04
C ILE C 75 46.87 6.43 0.78
N THR C 76 45.80 7.14 0.48
CA THR C 76 45.03 6.83 -0.71
C THR C 76 45.74 7.38 -1.94
N TYR C 77 45.25 6.93 -3.09
CA TYR C 77 45.66 7.48 -4.38
C TYR C 77 45.49 8.99 -4.43
N ASP C 78 44.39 9.52 -3.90
CA ASP C 78 44.16 10.95 -3.92
C ASP C 78 45.14 11.72 -3.05
N GLY C 79 45.91 11.03 -2.21
CA GLY C 79 46.78 11.66 -1.24
C GLY C 79 46.23 11.68 0.17
N THR C 80 44.95 11.37 0.33
CA THR C 80 44.37 11.28 1.67
C THR C 80 45.06 10.16 2.44
N SER C 81 45.33 10.41 3.72
CA SER C 81 46.02 9.44 4.57
C SER C 81 45.22 9.21 5.83
N HIS C 82 45.08 7.94 6.21
CA HIS C 82 44.34 7.53 7.40
C HIS C 82 45.25 6.72 8.30
N PHE C 83 45.23 7.04 9.60
CA PHE C 83 46.12 6.44 10.58
C PHE C 83 45.34 5.56 11.55
N ASN C 84 46.06 4.65 12.19
CA ASN C 84 45.54 3.93 13.33
C ASN C 84 45.56 4.83 14.56
N PRO C 85 44.42 5.07 15.23
CA PRO C 85 44.44 5.98 16.39
C PRO C 85 45.32 5.51 17.54
N SER C 86 45.69 4.22 17.57
CA SER C 86 46.66 3.76 18.56
C SER C 86 48.01 4.46 18.40
N LEU C 87 48.25 5.08 17.24
CA LEU C 87 49.46 5.80 16.92
C LEU C 87 49.31 7.30 17.15
N LYS C 88 48.40 7.72 18.03
CA LYS C 88 48.20 9.11 18.44
C LYS C 88 48.31 10.09 17.27
N SER C 89 49.22 11.06 17.34
CA SER C 89 49.56 11.93 16.21
C SER C 89 51.04 11.82 15.84
N ARG C 90 51.72 10.77 16.31
CA ARG C 90 53.14 10.58 16.07
C ARG C 90 53.44 10.01 14.69
N PHE C 91 52.41 9.58 13.95
CA PHE C 91 52.57 8.89 12.68
C PHE C 91 51.97 9.71 11.56
N SER C 92 52.68 9.75 10.43
CA SER C 92 52.22 10.50 9.26
C SER C 92 52.77 9.85 8.00
N ILE C 93 52.04 10.00 6.90
CA ILE C 93 52.40 9.43 5.62
C ILE C 93 52.45 10.55 4.58
N THR C 94 53.51 10.57 3.78
CA THR C 94 53.63 11.45 2.62
C THR C 94 53.99 10.58 1.42
N ARG C 95 54.04 11.21 0.24
CA ARG C 95 54.41 10.46 -0.96
C ARG C 95 55.12 11.38 -1.95
N ASP C 96 55.99 10.77 -2.75
CA ASP C 96 56.70 11.44 -3.84
C ASP C 96 56.19 10.81 -5.13
N THR C 97 55.18 11.44 -5.73
CA THR C 97 54.57 10.89 -6.94
C THR C 97 55.53 10.94 -8.13
N SER C 98 56.46 11.90 -8.14
CA SER C 98 57.44 11.97 -9.21
C SER C 98 58.33 10.74 -9.23
N LYS C 99 58.78 10.30 -8.05
CA LYS C 99 59.59 9.10 -7.92
C LYS C 99 58.76 7.84 -7.72
N ASN C 100 57.44 7.97 -7.66
CA ASN C 100 56.53 6.82 -7.51
C ASN C 100 56.85 6.03 -6.23
N GLN C 101 56.81 6.75 -5.11
CA GLN C 101 57.10 6.14 -3.82
C GLN C 101 56.37 6.91 -2.73
N PHE C 102 56.16 6.22 -1.60
CA PHE C 102 55.50 6.83 -0.45
C PHE C 102 56.29 6.50 0.82
N PHE C 103 56.19 7.40 1.79
CA PHE C 103 57.10 7.44 2.92
C PHE C 103 56.34 7.28 4.24
N LEU C 104 56.97 6.57 5.16
CA LEU C 104 56.53 6.46 6.54
C LEU C 104 57.31 7.46 7.38
N LYS C 105 56.63 8.14 8.30
CA LYS C 105 57.26 9.15 9.14
C LYS C 105 56.72 9.00 10.56
N LEU C 106 57.56 8.51 11.47
CA LEU C 106 57.22 8.37 12.87
C LEU C 106 58.02 9.38 13.68
N ASN C 107 57.32 10.33 14.29
CA ASN C 107 57.94 11.27 15.21
C ASN C 107 58.05 10.66 16.60
N SER C 108 59.18 10.92 17.26
CA SER C 108 59.41 10.48 18.64
C SER C 108 59.26 8.96 18.77
N VAL C 109 60.13 8.24 18.07
CA VAL C 109 60.08 6.79 18.12
C VAL C 109 60.47 6.28 19.51
N THR C 110 59.74 5.29 19.99
CA THR C 110 59.95 4.68 21.30
C THR C 110 60.55 3.30 21.13
N THR C 111 60.83 2.64 22.27
CA THR C 111 61.39 1.30 22.20
C THR C 111 60.41 0.31 21.61
N GLU C 112 59.11 0.54 21.79
CA GLU C 112 58.09 -0.35 21.25
C GLU C 112 57.90 -0.20 19.74
N ASP C 113 58.53 0.78 19.11
CA ASP C 113 58.40 0.96 17.67
C ASP C 113 59.20 -0.06 16.86
N THR C 114 60.06 -0.84 17.49
CA THR C 114 60.81 -1.87 16.77
C THR C 114 59.83 -2.88 16.17
N ALA C 115 59.93 -3.07 14.85
CA ALA C 115 59.02 -3.95 14.13
C ALA C 115 59.51 -4.07 12.69
N THR C 116 58.91 -5.00 11.96
CA THR C 116 59.17 -5.18 10.53
C THR C 116 58.06 -4.50 9.76
N TYR C 117 58.39 -3.38 9.12
CA TYR C 117 57.40 -2.54 8.44
C TYR C 117 57.21 -3.02 7.01
N TYR C 118 55.99 -3.49 6.70
CA TYR C 118 55.64 -3.90 5.35
C TYR C 118 54.80 -2.79 4.71
N CYS C 119 55.28 -2.27 3.58
CA CYS C 119 54.47 -1.38 2.76
C CYS C 119 53.74 -2.22 1.72
N THR C 120 52.45 -1.95 1.56
CA THR C 120 51.55 -2.85 0.86
C THR C 120 50.67 -2.06 -0.10
N ARG C 121 50.15 -2.77 -1.10
CA ARG C 121 49.22 -2.20 -2.08
C ARG C 121 47.85 -2.84 -1.87
N ASP C 122 46.81 -2.01 -1.90
CA ASP C 122 45.44 -2.43 -1.63
C ASP C 122 44.55 -1.95 -2.78
N PRO C 123 44.36 -2.78 -3.82
CA PRO C 123 43.58 -2.34 -4.98
C PRO C 123 42.12 -2.77 -4.95
N TYR C 124 41.75 -3.61 -3.98
CA TYR C 124 40.42 -4.19 -3.93
C TYR C 124 39.47 -3.31 -3.12
N ARG C 125 38.23 -3.22 -3.59
CA ARG C 125 37.18 -2.62 -2.77
C ARG C 125 37.01 -3.37 -1.45
N TYR C 126 37.41 -4.64 -1.40
CA TYR C 126 37.44 -5.43 -0.18
C TYR C 126 38.69 -5.15 0.65
N ASP C 127 39.46 -4.12 0.29
CA ASP C 127 40.52 -3.58 1.14
C ASP C 127 41.54 -4.64 1.52
N ALA C 128 41.86 -5.54 0.59
CA ALA C 128 42.81 -6.61 0.81
C ALA C 128 44.15 -6.24 0.19
N MET C 129 45.24 -6.42 0.95
CA MET C 129 46.57 -6.08 0.49
C MET C 129 47.15 -7.27 -0.27
N ASP C 130 47.02 -7.24 -1.60
CA ASP C 130 47.49 -8.37 -2.41
C ASP C 130 49.01 -8.39 -2.51
N PHE C 131 49.64 -7.24 -2.72
CA PHE C 131 51.09 -7.15 -2.85
C PHE C 131 51.66 -6.52 -1.59
N TRP C 132 52.58 -7.23 -0.95
CA TRP C 132 53.29 -6.77 0.22
C TRP C 132 54.76 -6.57 -0.12
N GLY C 133 55.45 -5.81 0.73
CA GLY C 133 56.89 -5.69 0.61
C GLY C 133 57.60 -6.75 1.43
N GLN C 134 58.92 -6.83 1.22
CA GLN C 134 59.71 -7.79 1.97
C GLN C 134 59.85 -7.39 3.43
N GLY C 135 59.63 -6.12 3.74
CA GLY C 135 59.69 -5.64 5.11
C GLY C 135 61.08 -5.16 5.49
N THR C 136 61.12 -4.17 6.37
CA THR C 136 62.35 -3.62 6.91
C THR C 136 62.30 -3.72 8.42
N SER C 137 63.27 -4.41 9.01
CA SER C 137 63.35 -4.58 10.46
C SER C 137 64.00 -3.34 11.04
N VAL C 138 63.20 -2.46 11.64
CA VAL C 138 63.69 -1.27 12.32
C VAL C 138 63.84 -1.60 13.80
N THR C 139 64.99 -1.24 14.37
CA THR C 139 65.29 -1.49 15.77
C THR C 139 65.47 -0.16 16.48
N VAL C 140 64.98 -0.09 17.71
CA VAL C 140 65.13 1.08 18.57
C VAL C 140 65.83 0.64 19.84
N SER C 141 67.03 1.19 20.08
CA SER C 141 67.79 0.87 21.27
C SER C 141 68.77 1.99 21.54
N SER C 142 69.25 2.04 22.78
CA SER C 142 70.22 3.05 23.21
C SER C 142 71.60 2.43 23.33
N ASP D 24 38.38 -0.23 17.85
CA ASP D 24 39.07 -1.34 17.13
C ASP D 24 38.46 -2.68 17.49
N ILE D 25 38.19 -3.49 16.47
CA ILE D 25 37.62 -4.82 16.65
C ILE D 25 38.77 -5.81 16.78
N GLN D 26 38.73 -6.63 17.81
CA GLN D 26 39.79 -7.59 18.09
C GLN D 26 39.48 -8.92 17.40
N LEU D 27 40.32 -9.31 16.45
CA LEU D 27 40.24 -10.60 15.81
C LEU D 27 41.15 -11.57 16.55
N THR D 28 40.59 -12.68 17.03
CA THR D 28 41.34 -13.66 17.80
C THR D 28 41.31 -15.00 17.08
N GLN D 29 42.51 -15.55 16.83
CA GLN D 29 42.65 -16.91 16.30
C GLN D 29 42.96 -17.82 17.49
N THR D 30 42.00 -18.69 17.83
CA THR D 30 42.16 -19.52 19.02
C THR D 30 43.37 -20.44 18.91
N THR D 31 43.57 -21.01 17.73
CA THR D 31 44.71 -21.89 17.48
C THR D 31 45.93 -21.02 17.21
N SER D 32 46.82 -20.91 18.21
CA SER D 32 48.06 -20.17 18.02
C SER D 32 49.07 -20.97 17.21
N SER D 33 49.09 -22.29 17.38
CA SER D 33 49.96 -23.17 16.61
C SER D 33 49.25 -24.49 16.37
N LEU D 34 49.39 -25.02 15.15
CA LEU D 34 48.72 -26.25 14.75
C LEU D 34 49.72 -27.16 14.04
N SER D 35 49.51 -28.46 14.16
CA SER D 35 50.33 -29.46 13.48
C SER D 35 49.44 -30.41 12.68
N ALA D 36 50.00 -30.92 11.58
CA ALA D 36 49.29 -31.82 10.67
C ALA D 36 50.32 -32.49 9.78
N SER D 37 49.85 -33.39 8.90
CA SER D 37 50.70 -34.10 7.96
C SER D 37 50.41 -33.65 6.54
N LEU D 38 51.23 -34.16 5.60
CA LEU D 38 50.99 -33.88 4.19
C LEU D 38 49.66 -34.47 3.75
N GLY D 39 48.99 -33.78 2.84
CA GLY D 39 47.73 -34.27 2.30
C GLY D 39 46.64 -34.46 3.32
N ASP D 40 46.59 -33.61 4.34
CA ASP D 40 45.58 -33.69 5.39
C ASP D 40 44.91 -32.34 5.53
N ARG D 41 43.59 -32.35 5.71
CA ARG D 41 42.85 -31.10 5.81
C ARG D 41 43.19 -30.40 7.12
N VAL D 42 43.49 -29.10 7.03
CA VAL D 42 43.76 -28.26 8.19
C VAL D 42 42.74 -27.12 8.18
N THR D 43 42.26 -26.74 9.36
CA THR D 43 41.33 -25.63 9.52
C THR D 43 41.92 -24.62 10.49
N ILE D 44 41.97 -23.35 10.07
CA ILE D 44 42.42 -22.25 10.91
C ILE D 44 41.23 -21.30 11.06
N SER D 45 40.70 -21.20 12.27
CA SER D 45 39.51 -20.41 12.55
C SER D 45 39.85 -19.22 13.45
N CYS D 46 39.24 -18.08 13.16
CA CYS D 46 39.40 -16.90 14.00
C CYS D 46 38.06 -16.18 14.12
N ARG D 47 37.87 -15.56 15.29
CA ARG D 47 36.61 -14.94 15.67
C ARG D 47 36.82 -13.45 15.92
N ALA D 48 35.90 -12.64 15.41
CA ALA D 48 35.95 -11.19 15.58
C ALA D 48 35.15 -10.77 16.81
N SER D 49 35.70 -9.84 17.58
CA SER D 49 35.02 -9.38 18.78
C SER D 49 33.71 -8.68 18.45
N GLN D 50 33.59 -8.13 17.25
CA GLN D 50 32.38 -7.46 16.77
C GLN D 50 32.05 -8.02 15.40
N ASP D 51 30.75 -8.05 15.09
CA ASP D 51 30.30 -8.54 13.80
C ASP D 51 30.95 -7.74 12.67
N ILE D 52 31.52 -8.47 11.72
CA ILE D 52 32.10 -7.89 10.51
C ILE D 52 31.40 -8.52 9.32
N SER D 53 30.91 -7.69 8.41
CA SER D 53 30.03 -8.13 7.33
C SER D 53 30.80 -8.89 6.27
N ASN D 54 31.32 -10.08 6.63
CA ASN D 54 32.13 -10.91 5.75
C ASN D 54 33.36 -10.17 5.22
N TYR D 55 33.78 -9.14 5.92
CA TYR D 55 34.93 -8.32 5.51
C TYR D 55 36.19 -8.76 6.24
N LEU D 56 36.59 -10.00 5.98
CA LEU D 56 37.80 -10.57 6.57
C LEU D 56 38.64 -11.22 5.48
N ASN D 57 39.94 -10.99 5.55
CA ASN D 57 40.90 -11.46 4.56
C ASN D 57 41.94 -12.35 5.22
N TRP D 58 42.50 -13.27 4.45
CA TRP D 58 43.48 -14.23 4.93
C TRP D 58 44.82 -14.01 4.24
N TYR D 59 45.89 -13.95 5.02
CA TYR D 59 47.24 -13.80 4.52
C TYR D 59 48.11 -14.94 5.03
N GLN D 60 49.09 -15.32 4.22
CA GLN D 60 50.08 -16.35 4.57
C GLN D 60 51.45 -15.71 4.59
N GLN D 61 52.09 -15.72 5.75
CA GLN D 61 53.45 -15.21 5.91
C GLN D 61 54.42 -16.38 5.96
N LYS D 62 55.26 -16.50 4.94
CA LYS D 62 56.26 -17.55 4.90
C LYS D 62 57.27 -17.34 6.02
N PRO D 63 57.99 -18.40 6.43
CA PRO D 63 58.93 -18.25 7.55
C PRO D 63 60.03 -17.24 7.31
N ASP D 64 60.33 -16.90 6.06
CA ASP D 64 61.29 -15.84 5.77
C ASP D 64 60.66 -14.46 5.83
N GLY D 65 59.36 -14.36 6.10
CA GLY D 65 58.69 -13.09 6.31
C GLY D 65 57.88 -12.58 5.14
N THR D 66 57.80 -13.32 4.03
CA THR D 66 57.05 -12.88 2.87
C THR D 66 55.56 -13.11 3.11
N VAL D 67 54.78 -12.03 3.12
CA VAL D 67 53.33 -12.09 3.29
C VAL D 67 52.69 -12.04 1.91
N LYS D 68 51.62 -12.82 1.73
CA LYS D 68 50.88 -12.81 0.47
C LYS D 68 49.41 -13.06 0.77
N LEU D 69 48.54 -12.38 0.03
CA LEU D 69 47.10 -12.53 0.23
C LEU D 69 46.62 -13.87 -0.33
N LEU D 70 45.81 -14.57 0.46
CA LEU D 70 45.18 -15.81 0.02
C LEU D 70 43.72 -15.59 -0.39
N ILE D 71 42.90 -15.12 0.54
CA ILE D 71 41.47 -14.93 0.32
C ILE D 71 41.09 -13.56 0.85
N TYR D 72 40.15 -12.91 0.15
CA TYR D 72 39.57 -11.65 0.60
C TYR D 72 38.05 -11.79 0.59
N TYR D 73 37.39 -11.02 1.45
CA TYR D 73 35.94 -11.12 1.68
C TYR D 73 35.54 -12.54 2.07
N THR D 74 36.48 -13.29 2.69
CA THR D 74 36.20 -14.55 3.38
C THR D 74 35.92 -15.73 2.47
N SER D 75 35.75 -15.49 1.17
CA SER D 75 35.55 -16.58 0.21
C SER D 75 36.31 -16.40 -1.10
N LYS D 76 36.68 -15.19 -1.48
CA LYS D 76 37.23 -14.93 -2.81
C LYS D 76 38.71 -15.29 -2.83
N LEU D 77 39.04 -16.37 -3.51
CA LEU D 77 40.41 -16.84 -3.62
C LEU D 77 41.21 -15.85 -4.46
N HIS D 78 42.27 -15.28 -3.88
CA HIS D 78 43.08 -14.32 -4.59
C HIS D 78 43.74 -14.98 -5.81
N SER D 79 43.59 -14.35 -6.97
CA SER D 79 44.10 -14.94 -8.21
C SER D 79 45.59 -15.19 -8.12
N GLY D 80 45.98 -16.46 -8.11
CA GLY D 80 47.39 -16.83 -8.08
C GLY D 80 47.77 -17.81 -6.99
N VAL D 81 46.92 -17.98 -5.98
CA VAL D 81 47.21 -18.92 -4.91
C VAL D 81 46.58 -20.27 -5.25
N PRO D 82 47.12 -21.39 -4.74
CA PRO D 82 46.53 -22.69 -5.05
C PRO D 82 45.09 -22.80 -4.57
N SER D 83 44.31 -23.61 -5.30
CA SER D 83 42.89 -23.80 -4.99
C SER D 83 42.66 -24.54 -3.68
N ARG D 84 43.69 -25.15 -3.09
CA ARG D 84 43.48 -25.88 -1.84
C ARG D 84 43.06 -24.95 -0.71
N PHE D 85 43.37 -23.66 -0.78
CA PHE D 85 42.95 -22.70 0.24
C PHE D 85 41.48 -22.36 0.01
N THR D 86 40.62 -22.77 0.95
CA THR D 86 39.20 -22.46 0.92
C THR D 86 38.83 -21.88 2.28
N ALA D 87 38.24 -20.68 2.27
CA ALA D 87 37.82 -20.00 3.49
C ALA D 87 36.32 -19.81 3.49
N SER D 88 35.73 -19.79 4.68
CA SER D 88 34.30 -19.61 4.83
C SER D 88 34.01 -19.11 6.24
N GLY D 89 32.98 -18.29 6.36
CA GLY D 89 32.57 -17.79 7.66
C GLY D 89 31.42 -16.82 7.51
N SER D 90 30.92 -16.36 8.66
CA SER D 90 29.79 -15.44 8.67
C SER D 90 29.73 -14.72 10.00
N GLY D 91 29.60 -13.39 9.95
CA GLY D 91 29.32 -12.60 11.12
C GLY D 91 30.52 -12.30 11.98
N ARG D 92 30.96 -13.29 12.76
CA ARG D 92 32.11 -13.13 13.65
C ARG D 92 33.10 -14.27 13.48
N ASP D 93 32.61 -15.47 13.19
CA ASP D 93 33.44 -16.66 13.12
C ASP D 93 33.79 -16.96 11.67
N TYR D 94 35.09 -17.04 11.39
CA TYR D 94 35.58 -17.32 10.05
C TYR D 94 36.69 -18.36 10.14
N SER D 95 36.86 -19.12 9.06
CA SER D 95 37.80 -20.23 9.06
C SER D 95 38.49 -20.34 7.71
N LEU D 96 39.75 -20.75 7.75
CA LEU D 96 40.54 -21.07 6.57
C LEU D 96 40.80 -22.56 6.55
N ALA D 97 40.54 -23.19 5.41
CA ALA D 97 40.74 -24.62 5.23
C ALA D 97 41.68 -24.86 4.07
N ILE D 98 42.67 -25.74 4.28
CA ILE D 98 43.58 -26.18 3.24
C ILE D 98 43.38 -27.69 3.08
N SER D 99 43.14 -28.12 1.84
CA SER D 99 42.79 -29.52 1.62
C SER D 99 43.99 -30.44 1.81
N ASN D 100 45.03 -30.27 0.99
CA ASN D 100 46.21 -31.13 1.02
C ASN D 100 47.45 -30.30 1.25
N LEU D 101 48.25 -30.68 2.24
CA LEU D 101 49.43 -29.93 2.64
C LEU D 101 50.69 -30.49 2.00
N GLU D 102 51.57 -29.59 1.58
CA GLU D 102 52.93 -29.96 1.19
C GLU D 102 53.92 -29.01 1.88
N GLN D 103 55.20 -29.11 1.54
CA GLN D 103 56.24 -28.41 2.27
C GLN D 103 56.21 -26.90 2.08
N GLU D 104 55.49 -26.38 1.08
CA GLU D 104 55.41 -24.94 0.88
C GLU D 104 54.32 -24.27 1.71
N ASP D 105 53.52 -25.04 2.44
CA ASP D 105 52.48 -24.49 3.30
C ASP D 105 52.93 -24.24 4.73
N ILE D 106 54.20 -24.48 5.03
CA ILE D 106 54.76 -24.09 6.32
C ILE D 106 54.78 -22.57 6.37
N ALA D 107 53.90 -21.97 7.15
CA ALA D 107 53.79 -20.52 7.20
C ALA D 107 52.80 -20.12 8.29
N THR D 108 52.93 -18.88 8.75
CA THR D 108 51.97 -18.30 9.68
C THR D 108 50.82 -17.70 8.88
N TYR D 109 49.60 -17.84 9.41
CA TYR D 109 48.38 -17.43 8.72
C TYR D 109 47.65 -16.41 9.55
N PHE D 110 47.38 -15.24 8.95
CA PHE D 110 46.74 -14.12 9.63
C PHE D 110 45.37 -13.86 9.02
N CYS D 111 44.40 -13.53 9.88
CA CYS D 111 43.09 -13.06 9.44
C CYS D 111 42.95 -11.60 9.81
N GLN D 112 42.52 -10.79 8.85
CA GLN D 112 42.42 -9.35 8.99
C GLN D 112 41.00 -8.90 8.65
N GLN D 113 40.48 -7.98 9.44
CA GLN D 113 39.23 -7.32 9.10
C GLN D 113 39.50 -6.10 8.23
N VAL D 114 38.49 -5.72 7.45
CA VAL D 114 38.52 -4.45 6.75
C VAL D 114 37.19 -3.73 6.98
N PHE D 115 36.40 -4.24 7.92
CA PHE D 115 35.04 -3.75 8.11
C PHE D 115 35.03 -2.32 8.65
N SER D 116 35.81 -2.07 9.69
CA SER D 116 35.88 -0.75 10.31
C SER D 116 37.33 -0.43 10.61
N LEU D 117 37.73 0.80 10.30
CA LEU D 117 39.09 1.22 10.60
C LEU D 117 39.24 1.36 12.12
N PRO D 118 40.38 0.93 12.70
CA PRO D 118 41.56 0.33 12.09
C PRO D 118 41.37 -1.10 11.58
N TRP D 119 42.12 -1.47 10.55
CA TRP D 119 42.05 -2.82 9.99
C TRP D 119 42.89 -3.75 10.86
N THR D 120 42.27 -4.23 11.93
CA THR D 120 42.96 -5.09 12.88
C THR D 120 43.25 -6.46 12.27
N PHE D 121 44.40 -7.02 12.63
CA PHE D 121 44.86 -8.32 12.14
C PHE D 121 44.50 -9.41 13.15
N GLY D 122 44.77 -10.66 12.77
CA GLY D 122 44.65 -11.78 13.68
C GLY D 122 45.97 -12.07 14.41
N GLY D 123 45.88 -12.97 15.38
CA GLY D 123 47.05 -13.34 16.16
C GLY D 123 48.12 -14.06 15.36
N GLY D 124 47.71 -14.86 14.38
CA GLY D 124 48.61 -15.69 13.62
C GLY D 124 48.53 -17.15 14.03
N THR D 125 48.83 -18.04 13.08
CA THR D 125 48.75 -19.48 13.32
C THR D 125 49.88 -20.16 12.54
N LYS D 126 50.89 -20.63 13.25
CA LYS D 126 52.00 -21.34 12.64
C LYS D 126 51.57 -22.77 12.30
N LEU D 127 51.95 -23.23 11.12
CA LEU D 127 51.70 -24.59 10.67
C LEU D 127 52.99 -25.39 10.74
N GLU D 128 52.95 -26.53 11.43
CA GLU D 128 54.08 -27.44 11.55
C GLU D 128 53.68 -28.79 10.95
N ILE D 129 54.39 -29.24 9.93
CA ILE D 129 54.11 -30.52 9.31
C ILE D 129 54.65 -31.62 10.22
N LYS D 130 53.83 -32.64 10.45
CA LYS D 130 54.24 -33.79 11.26
C LYS D 130 54.92 -34.83 10.37
#